data_7ONH
#
_entry.id   7ONH
#
_cell.length_a   90.624
_cell.length_b   90.624
_cell.length_c   90.663
_cell.angle_alpha   90.000
_cell.angle_beta   90.000
_cell.angle_gamma   90.000
#
_symmetry.space_group_name_H-M   'P 41'
#
loop_
_entity.id
_entity.type
_entity.pdbx_description
1 polymer SAKe6BE-L3
2 non-polymer 'SULFATE ION'
3 water water
#
_entity_poly.entity_id   1
_entity_poly.type   'polypeptide(L)'
_entity_poly.pdbx_seq_one_letter_code
;GSHMNGLIYAVGGFATLETESGELVPTELNSVEAYDPERNEWSLVAPLSTRRSGVGVAVLNGLIYAVGGYDGSPDGSTHL
NSVEAYDPERNEWSLVAPLSTRRSGVGVAVLNGLIYAVGGFATLETESGELVPTELNSVEAYDPERNEWSLVAPLSTRRS
GVGVAVLNGLIYAVGGYDGSPDGSTHLNSVEAYDPERNEWSLVAPLSTRRSGVGVAVLNGLIYAVGGFATLETESGELVP
TELNSVEAYDPERNEWSLVAPLSTRRSGVGVAVLNGLIYAVGGYDGSPDGSTHLNSVEAYDPERNEWSLVAPLSTRRSGV
GVAVL
;
_entity_poly.pdbx_strand_id   A,B
#
# COMPACT_ATOMS: atom_id res chain seq x y z
N GLY A 6 0.79 -2.19 -10.94
CA GLY A 6 -0.50 -2.04 -11.63
C GLY A 6 -0.98 -3.26 -12.38
N LEU A 7 -0.36 -4.40 -12.13
CA LEU A 7 -0.73 -5.66 -12.76
C LEU A 7 -0.99 -6.70 -11.68
N ILE A 8 -1.91 -7.63 -11.97
CA ILE A 8 -2.11 -8.81 -11.14
C ILE A 8 -1.28 -9.94 -11.69
N TYR A 9 -0.49 -10.58 -10.85
CA TYR A 9 0.28 -11.76 -11.24
C TYR A 9 -0.36 -13.00 -10.64
N ALA A 10 -0.64 -13.98 -11.50
CA ALA A 10 -1.13 -15.29 -11.08
C ALA A 10 0.03 -16.28 -11.20
N VAL A 11 0.45 -16.82 -10.06
CA VAL A 11 1.73 -17.54 -9.93
C VAL A 11 1.45 -19.00 -9.63
N GLY A 12 1.88 -19.89 -10.52
CA GLY A 12 1.82 -21.30 -10.19
C GLY A 12 0.39 -21.82 -10.07
N GLY A 13 0.23 -22.88 -9.30
CA GLY A 13 -1.04 -23.55 -9.16
C GLY A 13 -0.98 -24.97 -9.68
N PHE A 14 -2.16 -25.56 -9.85
CA PHE A 14 -2.28 -26.95 -10.25
C PHE A 14 -3.47 -27.12 -11.18
N ALA A 15 -3.34 -28.01 -12.16
CA ALA A 15 -4.45 -28.32 -13.04
C ALA A 15 -4.27 -29.71 -13.64
N THR A 16 -5.37 -30.29 -14.07
CA THR A 16 -5.34 -31.52 -14.87
C THR A 16 -5.42 -31.09 -16.33
N LEU A 17 -4.36 -31.36 -17.09
CA LEU A 17 -4.24 -30.82 -18.43
C LEU A 17 -4.05 -31.96 -19.42
N GLU A 18 -4.60 -31.76 -20.62
CA GLU A 18 -4.56 -32.78 -21.66
C GLU A 18 -3.24 -32.70 -22.42
N THR A 19 -2.63 -33.86 -22.65
CA THR A 19 -1.42 -33.95 -23.43
C THR A 19 -1.76 -33.93 -24.93
N GLU A 20 -0.71 -33.90 -25.75
CA GLU A 20 -0.90 -33.95 -27.20
C GLU A 20 -1.57 -35.25 -27.62
N SER A 21 -1.24 -36.34 -26.94
CA SER A 21 -1.88 -37.63 -27.22
C SER A 21 -3.27 -37.75 -26.62
N GLY A 22 -3.70 -36.78 -25.81
CA GLY A 22 -5.04 -36.76 -25.26
C GLY A 22 -5.18 -37.26 -23.84
N GLU A 23 -4.10 -37.68 -23.20
CA GLU A 23 -4.17 -38.13 -21.82
C GLU A 23 -4.24 -36.93 -20.88
N LEU A 24 -5.01 -37.07 -19.81
CA LEU A 24 -5.13 -36.04 -18.79
C LEU A 24 -4.12 -36.32 -17.69
N VAL A 25 -3.22 -35.39 -17.44
CA VAL A 25 -2.17 -35.61 -16.45
C VAL A 25 -2.21 -34.54 -15.37
N PRO A 26 -1.99 -34.91 -14.10
CA PRO A 26 -1.88 -33.90 -13.04
C PRO A 26 -0.61 -33.08 -13.24
N THR A 27 -0.75 -31.75 -13.18
CA THR A 27 0.33 -30.86 -13.54
C THR A 27 0.42 -29.76 -12.49
N GLU A 28 1.49 -29.74 -11.71
CA GLU A 28 1.84 -28.53 -10.99
C GLU A 28 2.40 -27.53 -11.99
N LEU A 29 2.10 -26.25 -11.78
CA LEU A 29 2.38 -25.24 -12.80
C LEU A 29 3.59 -24.40 -12.42
N ASN A 30 4.42 -24.09 -13.41
CA ASN A 30 5.42 -23.05 -13.25
C ASN A 30 5.06 -21.76 -13.99
N SER A 31 4.00 -21.77 -14.79
CA SER A 31 3.66 -20.59 -15.57
C SER A 31 3.10 -19.48 -14.70
N VAL A 32 3.35 -18.24 -15.14
CA VAL A 32 2.94 -17.04 -14.43
C VAL A 32 2.25 -16.13 -15.44
N GLU A 33 1.06 -15.67 -15.12
CA GLU A 33 0.28 -14.81 -16.02
C GLU A 33 0.08 -13.46 -15.35
N ALA A 34 0.11 -12.39 -16.14
CA ALA A 34 -0.06 -11.04 -15.62
C ALA A 34 -1.29 -10.40 -16.25
N TYR A 35 -2.14 -9.82 -15.41
CA TYR A 35 -3.39 -9.21 -15.86
C TYR A 35 -3.25 -7.70 -15.90
N ASP A 36 -3.56 -7.12 -17.07
CA ASP A 36 -3.58 -5.67 -17.25
C ASP A 36 -5.03 -5.22 -17.21
N PRO A 37 -5.47 -4.49 -16.18
CA PRO A 37 -6.89 -4.11 -16.12
C PRO A 37 -7.30 -3.11 -17.17
N GLU A 38 -6.37 -2.33 -17.72
CA GLU A 38 -6.73 -1.38 -18.77
C GLU A 38 -7.10 -2.10 -20.06
N ARG A 39 -6.44 -3.22 -20.35
CA ARG A 39 -6.70 -3.99 -21.55
C ARG A 39 -7.62 -5.18 -21.31
N ASN A 40 -7.86 -5.52 -20.04
CA ASN A 40 -8.62 -6.73 -19.66
C ASN A 40 -8.04 -7.96 -20.37
N GLU A 41 -6.73 -8.15 -20.20
CA GLU A 41 -6.01 -9.23 -20.85
C GLU A 41 -4.99 -9.83 -19.90
N TRP A 42 -4.83 -11.14 -19.97
CA TRP A 42 -3.74 -11.84 -19.31
C TRP A 42 -2.64 -12.14 -20.32
N SER A 43 -1.38 -11.99 -19.90
CA SER A 43 -0.22 -12.27 -20.73
C SER A 43 0.80 -13.07 -19.94
N LEU A 44 1.50 -13.96 -20.61
CA LEU A 44 2.54 -14.73 -19.93
C LEU A 44 3.76 -13.86 -19.61
N VAL A 45 4.34 -14.08 -18.44
CA VAL A 45 5.66 -13.54 -18.12
C VAL A 45 6.59 -14.71 -17.81
N ALA A 46 7.77 -14.42 -17.28
CA ALA A 46 8.73 -15.49 -17.02
C ALA A 46 8.16 -16.49 -16.01
N PRO A 47 8.42 -17.78 -16.21
CA PRO A 47 7.91 -18.80 -15.29
C PRO A 47 8.78 -18.97 -14.06
N LEU A 48 8.17 -19.52 -13.02
CA LEU A 48 8.91 -20.00 -11.86
C LEU A 48 9.95 -21.02 -12.30
N SER A 49 11.05 -21.09 -11.55
CA SER A 49 11.98 -22.21 -11.73
C SER A 49 11.33 -23.52 -11.29
N THR A 50 10.57 -23.50 -10.20
CA THR A 50 10.03 -24.70 -9.56
C THR A 50 8.52 -24.70 -9.66
N ARG A 51 7.97 -25.70 -10.35
CA ARG A 51 6.52 -25.91 -10.39
C ARG A 51 6.00 -26.07 -8.98
N ARG A 52 4.87 -25.43 -8.70
CA ARG A 52 4.37 -25.47 -7.33
C ARG A 52 2.94 -24.97 -7.28
N SER A 53 2.16 -25.55 -6.37
CA SER A 53 0.82 -25.05 -6.04
C SER A 53 0.74 -24.85 -4.53
N GLY A 54 -0.36 -24.24 -4.09
CA GLY A 54 -0.47 -23.93 -2.67
C GLY A 54 0.67 -23.05 -2.19
N VAL A 55 1.13 -22.14 -3.06
CA VAL A 55 2.28 -21.27 -2.83
C VAL A 55 1.78 -19.93 -2.29
N GLY A 56 2.50 -19.40 -1.32
CA GLY A 56 2.20 -18.06 -0.82
C GLY A 56 2.97 -17.01 -1.61
N VAL A 57 2.28 -15.94 -1.99
CA VAL A 57 2.84 -14.93 -2.88
C VAL A 57 2.61 -13.55 -2.28
N ALA A 58 3.67 -12.75 -2.18
CA ALA A 58 3.55 -11.38 -1.67
C ALA A 58 4.59 -10.49 -2.32
N VAL A 59 4.37 -9.18 -2.25
CA VAL A 59 5.21 -8.19 -2.93
C VAL A 59 5.96 -7.38 -1.88
N LEU A 60 7.27 -7.23 -2.09
CA LEU A 60 8.12 -6.47 -1.18
C LEU A 60 9.23 -5.81 -1.98
N ASN A 61 9.32 -4.49 -1.87
CA ASN A 61 10.39 -3.71 -2.50
C ASN A 61 10.45 -3.95 -4.01
N GLY A 62 9.28 -3.95 -4.64
CA GLY A 62 9.22 -4.07 -6.08
C GLY A 62 9.49 -5.46 -6.63
N LEU A 63 9.52 -6.48 -5.79
CA LEU A 63 9.70 -7.87 -6.21
C LEU A 63 8.52 -8.71 -5.74
N ILE A 64 8.17 -9.72 -6.52
CA ILE A 64 7.19 -10.72 -6.10
C ILE A 64 7.94 -11.90 -5.51
N TYR A 65 7.54 -12.32 -4.33
CA TYR A 65 8.13 -13.49 -3.69
C TYR A 65 7.14 -14.64 -3.75
N ALA A 66 7.61 -15.80 -4.22
CA ALA A 66 6.83 -17.03 -4.23
C ALA A 66 7.43 -17.96 -3.18
N VAL A 67 6.63 -18.29 -2.17
CA VAL A 67 7.13 -18.89 -0.93
C VAL A 67 6.53 -20.28 -0.76
N GLY A 68 7.39 -21.30 -0.71
CA GLY A 68 6.94 -22.65 -0.38
C GLY A 68 5.98 -23.23 -1.42
N GLY A 69 5.17 -24.18 -0.96
CA GLY A 69 4.16 -24.75 -1.81
C GLY A 69 4.23 -26.27 -1.86
N TYR A 70 3.54 -26.83 -2.84
CA TYR A 70 3.25 -28.26 -2.92
C TYR A 70 3.61 -28.77 -4.30
N ASP A 71 4.15 -29.98 -4.36
CA ASP A 71 4.49 -30.64 -5.63
C ASP A 71 4.10 -32.11 -5.47
N GLY A 72 2.99 -32.49 -6.09
CA GLY A 72 2.46 -33.84 -5.95
C GLY A 72 3.06 -34.88 -6.87
N SER A 73 4.12 -34.54 -7.60
CA SER A 73 4.82 -35.48 -8.45
C SER A 73 5.24 -36.73 -7.67
N PRO A 74 5.30 -37.90 -8.30
CA PRO A 74 5.75 -39.10 -7.57
C PRO A 74 7.23 -39.11 -7.25
N ASP A 75 8.01 -38.17 -7.81
N ASP A 75 8.04 -38.19 -7.77
CA ASP A 75 9.43 -37.99 -7.54
CA ASP A 75 9.43 -38.15 -7.37
C ASP A 75 9.65 -36.68 -6.80
C ASP A 75 9.75 -36.75 -6.90
N GLY A 76 10.63 -36.68 -5.91
CA GLY A 76 11.06 -35.42 -5.33
C GLY A 76 10.23 -34.99 -4.14
N SER A 77 10.68 -33.88 -3.56
CA SER A 77 10.02 -33.35 -2.38
C SER A 77 8.58 -32.94 -2.68
N THR A 78 7.69 -33.22 -1.73
CA THR A 78 6.28 -32.88 -1.87
C THR A 78 5.97 -31.50 -1.29
N HIS A 79 6.63 -31.13 -0.20
CA HIS A 79 6.39 -29.86 0.45
C HIS A 79 7.66 -29.04 0.34
N LEU A 80 7.53 -27.79 -0.12
CA LEU A 80 8.67 -27.00 -0.56
C LEU A 80 9.10 -25.99 0.50
N ASN A 81 10.41 -25.83 0.65
CA ASN A 81 10.95 -24.69 1.39
C ASN A 81 11.53 -23.62 0.48
N SER A 82 11.54 -23.82 -0.84
CA SER A 82 12.23 -22.86 -1.68
C SER A 82 11.41 -21.60 -1.88
N VAL A 83 12.13 -20.50 -2.12
CA VAL A 83 11.54 -19.17 -2.26
C VAL A 83 12.15 -18.53 -3.49
N GLU A 84 11.29 -18.01 -4.38
CA GLU A 84 11.74 -17.34 -5.59
C GLU A 84 11.29 -15.88 -5.57
N ALA A 85 12.06 -15.02 -6.23
CA ALA A 85 11.77 -13.60 -6.29
C ALA A 85 11.75 -13.13 -7.73
N TYR A 86 10.69 -12.42 -8.10
CA TYR A 86 10.48 -11.97 -9.48
C TYR A 86 10.80 -10.49 -9.60
N ASP A 87 11.69 -10.16 -10.53
CA ASP A 87 12.03 -8.78 -10.87
C ASP A 87 11.29 -8.39 -12.13
N PRO A 88 10.31 -7.48 -12.09
CA PRO A 88 9.55 -7.15 -13.29
C PRO A 88 10.34 -6.37 -14.32
N GLU A 89 11.37 -5.63 -13.90
CA GLU A 89 12.18 -4.88 -14.86
C GLU A 89 12.99 -5.83 -15.74
N ARG A 90 13.55 -6.88 -15.15
CA ARG A 90 14.33 -7.87 -15.88
C ARG A 90 13.49 -9.05 -16.35
N ASN A 91 12.27 -9.20 -15.86
CA ASN A 91 11.40 -10.34 -16.17
C ASN A 91 12.13 -11.65 -15.90
N GLU A 92 12.60 -11.78 -14.66
CA GLU A 92 13.39 -12.92 -14.22
C GLU A 92 13.00 -13.31 -12.81
N TRP A 93 13.00 -14.62 -12.54
CA TRP A 93 12.84 -15.15 -11.20
C TRP A 93 14.20 -15.59 -10.67
N SER A 94 14.53 -15.16 -9.46
CA SER A 94 15.76 -15.56 -8.78
C SER A 94 15.41 -16.38 -7.55
N LEU A 95 16.38 -17.17 -7.10
CA LEU A 95 16.24 -17.88 -5.83
C LEU A 95 16.76 -17.03 -4.70
N VAL A 96 16.05 -17.04 -3.58
CA VAL A 96 16.58 -16.44 -2.36
C VAL A 96 16.64 -17.51 -1.27
N ALA A 97 16.87 -17.08 -0.04
CA ALA A 97 17.06 -18.03 1.04
C ALA A 97 15.81 -18.87 1.25
N PRO A 98 15.96 -20.18 1.44
CA PRO A 98 14.78 -21.02 1.67
C PRO A 98 14.26 -20.88 3.09
N LEU A 99 12.99 -21.23 3.24
CA LEU A 99 12.39 -21.37 4.56
C LEU A 99 13.12 -22.42 5.39
N SER A 100 13.05 -22.27 6.71
N SER A 100 13.08 -22.24 6.70
CA SER A 100 13.64 -23.26 7.60
CA SER A 100 13.64 -23.27 7.58
C SER A 100 12.78 -24.52 7.69
C SER A 100 12.79 -24.54 7.55
N THR A 101 11.46 -24.38 7.55
CA THR A 101 10.54 -25.51 7.53
C THR A 101 9.77 -25.50 6.22
N ARG A 102 9.77 -26.63 5.53
CA ARG A 102 8.95 -26.80 4.33
C ARG A 102 7.49 -26.54 4.66
N ARG A 103 6.75 -25.96 3.73
CA ARG A 103 5.34 -25.71 4.01
C ARG A 103 4.56 -25.54 2.72
N SER A 104 3.54 -26.36 2.55
CA SER A 104 2.55 -26.15 1.50
C SER A 104 1.30 -25.52 2.11
N GLY A 105 0.53 -24.83 1.27
CA GLY A 105 -0.66 -24.16 1.79
C GLY A 105 -0.34 -23.09 2.81
N VAL A 106 0.76 -22.40 2.64
CA VAL A 106 1.24 -21.35 3.53
C VAL A 106 0.63 -20.02 3.13
N GLY A 107 0.26 -19.22 4.12
CA GLY A 107 -0.20 -17.86 3.88
C GLY A 107 0.96 -16.90 4.06
N VAL A 108 1.06 -15.90 3.19
CA VAL A 108 2.15 -14.95 3.28
C VAL A 108 1.62 -13.52 3.19
N ALA A 109 2.22 -12.64 3.97
CA ALA A 109 1.90 -11.23 3.92
C ALA A 109 3.15 -10.44 4.25
N VAL A 110 3.14 -9.17 3.87
CA VAL A 110 4.27 -8.27 4.06
C VAL A 110 3.87 -7.21 5.07
N LEU A 111 4.74 -7.00 6.06
CA LEU A 111 4.47 -6.01 7.11
C LEU A 111 5.79 -5.41 7.57
N ASN A 112 5.87 -4.08 7.53
CA ASN A 112 7.04 -3.35 8.03
C ASN A 112 8.34 -3.87 7.41
N GLY A 113 8.29 -4.13 6.11
CA GLY A 113 9.48 -4.48 5.37
C GLY A 113 9.94 -5.92 5.50
N LEU A 114 9.11 -6.80 6.06
CA LEU A 114 9.42 -8.21 6.20
C LEU A 114 8.31 -9.04 5.56
N ILE A 115 8.69 -10.20 5.02
CA ILE A 115 7.71 -11.19 4.57
C ILE A 115 7.46 -12.17 5.69
N TYR A 116 6.20 -12.41 6.01
CA TYR A 116 5.83 -13.40 7.01
C TYR A 116 5.24 -14.61 6.31
N ALA A 117 5.80 -15.78 6.61
CA ALA A 117 5.26 -17.06 6.13
C ALA A 117 4.54 -17.73 7.29
N VAL A 118 3.22 -17.90 7.16
CA VAL A 118 2.34 -18.24 8.27
C VAL A 118 1.75 -19.63 8.05
N GLY A 119 2.03 -20.55 8.98
CA GLY A 119 1.35 -21.83 8.92
C GLY A 119 1.74 -22.65 7.70
N GLY A 120 0.84 -23.53 7.30
CA GLY A 120 1.10 -24.45 6.21
C GLY A 120 1.08 -25.89 6.69
N PHE A 121 1.56 -26.78 5.83
CA PHE A 121 1.52 -28.21 6.09
C PHE A 121 2.79 -28.85 5.55
N ALA A 122 3.29 -29.87 6.26
CA ALA A 122 4.44 -30.62 5.77
C ALA A 122 4.43 -32.01 6.39
N THR A 123 5.11 -32.93 5.73
CA THR A 123 5.41 -34.23 6.31
C THR A 123 6.80 -34.15 6.91
N LEU A 124 6.88 -34.30 8.24
CA LEU A 124 8.12 -34.04 8.94
C LEU A 124 8.53 -35.28 9.73
N GLU A 125 9.84 -35.47 9.85
CA GLU A 125 10.39 -36.64 10.52
C GLU A 125 10.42 -36.40 12.03
N THR A 126 9.98 -37.41 12.79
CA THR A 126 10.06 -37.37 14.23
C THR A 126 11.47 -37.74 14.69
N GLU A 127 11.70 -37.64 16.00
CA GLU A 127 12.98 -38.04 16.56
C GLU A 127 13.24 -39.53 16.32
N SER A 128 12.18 -40.34 16.44
CA SER A 128 12.29 -41.77 16.16
C SER A 128 12.40 -42.08 14.68
N GLY A 129 12.32 -41.08 13.81
CA GLY A 129 12.46 -41.28 12.39
C GLY A 129 11.17 -41.47 11.62
N GLU A 130 10.03 -41.46 12.29
CA GLU A 130 8.75 -41.61 11.61
C GLU A 130 8.36 -40.32 10.92
N LEU A 131 7.75 -40.43 9.75
CA LEU A 131 7.25 -39.29 9.01
C LEU A 131 5.78 -39.10 9.35
N VAL A 132 5.43 -37.92 9.86
CA VAL A 132 4.05 -37.67 10.28
C VAL A 132 3.50 -36.44 9.58
N PRO A 133 2.23 -36.46 9.18
CA PRO A 133 1.60 -35.26 8.62
C PRO A 133 1.45 -34.22 9.72
N THR A 134 1.85 -32.99 9.42
CA THR A 134 1.93 -31.94 10.43
C THR A 134 1.34 -30.66 9.85
N GLU A 135 0.21 -30.22 10.39
CA GLU A 135 -0.18 -28.82 10.19
C GLU A 135 0.72 -27.94 11.05
N LEU A 136 1.07 -26.78 10.54
CA LEU A 136 2.10 -25.95 11.16
C LEU A 136 1.49 -24.77 11.91
N ASN A 137 2.05 -24.47 13.09
CA ASN A 137 1.80 -23.20 13.75
C ASN A 137 2.97 -22.23 13.65
N SER A 138 4.11 -22.68 13.14
CA SER A 138 5.28 -21.83 13.10
C SER A 138 5.14 -20.73 12.05
N VAL A 139 5.77 -19.60 12.34
CA VAL A 139 5.74 -18.41 11.50
C VAL A 139 7.16 -17.93 11.31
N GLU A 140 7.57 -17.73 10.06
CA GLU A 140 8.93 -17.30 9.75
C GLU A 140 8.87 -15.93 9.09
N ALA A 141 9.85 -15.08 9.38
CA ALA A 141 9.91 -13.73 8.83
C ALA A 141 11.18 -13.57 8.01
N TYR A 142 11.03 -13.05 6.79
CA TYR A 142 12.14 -12.87 5.87
C TYR A 142 12.57 -11.41 5.84
N ASP A 143 13.85 -11.18 6.08
CA ASP A 143 14.45 -9.86 5.98
C ASP A 143 15.22 -9.80 4.67
N PRO A 144 14.79 -9.00 3.69
CA PRO A 144 15.48 -9.00 2.39
C PRO A 144 16.87 -8.38 2.45
N GLU A 145 17.14 -7.51 3.42
CA GLU A 145 18.47 -6.93 3.54
C GLU A 145 19.50 -7.97 3.95
N ARG A 146 19.10 -8.92 4.80
CA ARG A 146 19.99 -9.97 5.26
C ARG A 146 19.83 -11.27 4.48
N ASN A 147 18.77 -11.38 3.68
CA ASN A 147 18.42 -12.62 2.97
C ASN A 147 18.39 -13.80 3.97
N GLU A 148 17.59 -13.62 5.01
CA GLU A 148 17.50 -14.58 6.10
C GLU A 148 16.06 -14.69 6.57
N TRP A 149 15.64 -15.91 6.91
CA TRP A 149 14.39 -16.17 7.60
C TRP A 149 14.66 -16.38 9.08
N SER A 150 13.79 -15.84 9.93
CA SER A 150 13.88 -15.99 11.37
C SER A 150 12.51 -16.33 11.94
N LEU A 151 12.49 -17.14 12.99
CA LEU A 151 11.24 -17.46 13.65
C LEU A 151 10.69 -16.27 14.43
N VAL A 152 9.37 -16.09 14.36
CA VAL A 152 8.67 -15.18 15.26
C VAL A 152 7.64 -16.00 16.05
N ALA A 153 6.76 -15.31 16.76
CA ALA A 153 5.78 -16.02 17.59
C ALA A 153 4.89 -16.91 16.72
N PRO A 154 4.54 -18.10 17.19
CA PRO A 154 3.69 -19.00 16.41
C PRO A 154 2.21 -18.68 16.57
N LEU A 155 1.44 -19.15 15.59
CA LEU A 155 0.00 -19.18 15.70
C LEU A 155 -0.41 -19.97 16.93
N SER A 156 -1.56 -19.60 17.51
CA SER A 156 -2.16 -20.47 18.53
C SER A 156 -2.65 -21.78 17.91
N THR A 157 -3.21 -21.71 16.71
CA THR A 157 -3.87 -22.85 16.07
C THR A 157 -3.11 -23.26 14.81
N ARG A 158 -2.59 -24.48 14.81
CA ARG A 158 -1.97 -25.04 13.61
C ARG A 158 -2.98 -25.03 12.47
N ARG A 159 -2.52 -24.65 11.29
CA ARG A 159 -3.46 -24.53 10.18
C ARG A 159 -2.71 -24.40 8.87
N SER A 160 -3.30 -24.96 7.81
CA SER A 160 -2.83 -24.76 6.44
C SER A 160 -3.99 -24.26 5.59
N GLY A 161 -3.70 -23.86 4.36
CA GLY A 161 -4.74 -23.30 3.51
C GLY A 161 -5.39 -22.09 4.15
N VAL A 162 -4.59 -21.29 4.87
CA VAL A 162 -5.03 -20.14 5.65
C VAL A 162 -4.85 -18.89 4.80
N GLY A 163 -5.83 -17.99 4.86
CA GLY A 163 -5.72 -16.70 4.20
C GLY A 163 -5.08 -15.69 5.13
N VAL A 164 -4.14 -14.91 4.58
CA VAL A 164 -3.33 -14.01 5.40
C VAL A 164 -3.29 -12.64 4.74
N ALA A 165 -3.60 -11.59 5.52
CA ALA A 165 -3.53 -10.22 5.00
C ALA A 165 -3.20 -9.27 6.12
N VAL A 166 -2.77 -8.06 5.75
CA VAL A 166 -2.28 -7.07 6.68
C VAL A 166 -3.25 -5.89 6.72
N LEU A 167 -3.62 -5.48 7.92
CA LEU A 167 -4.54 -4.35 8.12
C LEU A 167 -4.14 -3.63 9.39
N ASN A 168 -3.88 -2.31 9.26
CA ASN A 168 -3.58 -1.45 10.39
C ASN A 168 -2.42 -1.97 11.21
N GLY A 169 -1.36 -2.43 10.53
CA GLY A 169 -0.17 -2.85 11.21
C GLY A 169 -0.24 -4.20 11.88
N LEU A 170 -1.28 -4.99 11.61
CA LEU A 170 -1.43 -6.33 12.15
C LEU A 170 -1.54 -7.32 10.99
N ILE A 171 -1.03 -8.53 11.19
CA ILE A 171 -1.26 -9.64 10.27
C ILE A 171 -2.44 -10.43 10.75
N TYR A 172 -3.39 -10.68 9.87
CA TYR A 172 -4.55 -11.51 10.19
C TYR A 172 -4.40 -12.86 9.51
N ALA A 173 -4.57 -13.93 10.28
CA ALA A 173 -4.59 -15.29 9.77
C ALA A 173 -6.02 -15.79 9.86
N VAL A 174 -6.62 -16.11 8.71
CA VAL A 174 -8.06 -16.28 8.58
C VAL A 174 -8.37 -17.70 8.14
N GLY A 175 -9.10 -18.44 8.97
CA GLY A 175 -9.59 -19.76 8.58
C GLY A 175 -8.46 -20.77 8.36
N GLY A 176 -8.77 -21.78 7.54
CA GLY A 176 -7.77 -22.76 7.17
C GLY A 176 -8.24 -24.17 7.42
N TYR A 177 -7.28 -25.09 7.39
CA TYR A 177 -7.50 -26.52 7.34
C TYR A 177 -6.66 -27.20 8.40
N ASP A 178 -7.22 -28.23 9.04
CA ASP A 178 -6.51 -29.03 10.04
C ASP A 178 -6.91 -30.48 9.80
N GLY A 179 -6.01 -31.26 9.20
CA GLY A 179 -6.30 -32.63 8.83
C GLY A 179 -6.13 -33.65 9.93
N SER A 180 -5.92 -33.21 11.18
N SER A 180 -5.93 -33.21 11.18
CA SER A 180 -5.78 -34.12 12.29
CA SER A 180 -5.78 -34.14 12.29
C SER A 180 -7.02 -35.02 12.42
C SER A 180 -7.02 -35.02 12.42
N PRO A 181 -6.85 -36.25 12.90
CA PRO A 181 -8.02 -37.14 13.08
C PRO A 181 -8.98 -36.67 14.16
N ASP A 182 -8.56 -35.73 15.02
N ASP A 182 -8.62 -35.76 15.03
CA ASP A 182 -9.36 -35.15 16.09
CA ASP A 182 -9.57 -35.28 16.02
C ASP A 182 -9.68 -33.69 15.75
C ASP A 182 -9.67 -33.77 15.91
N GLY A 183 -10.88 -33.27 16.15
N GLY A 183 -10.88 -33.25 16.16
CA GLY A 183 -11.22 -31.86 16.11
CA GLY A 183 -11.13 -31.83 16.09
C GLY A 183 -11.71 -31.40 14.76
C GLY A 183 -11.61 -31.37 14.74
N SER A 184 -12.00 -30.10 14.69
CA SER A 184 -12.54 -29.52 13.48
C SER A 184 -11.52 -29.56 12.34
N THR A 185 -12.00 -29.85 11.14
CA THR A 185 -11.16 -29.90 9.96
C THR A 185 -11.09 -28.57 9.24
N HIS A 186 -12.18 -27.83 9.22
CA HIS A 186 -12.25 -26.54 8.54
C HIS A 186 -12.47 -25.47 9.59
N LEU A 187 -11.64 -24.43 9.56
CA LEU A 187 -11.54 -23.49 10.67
C LEU A 187 -12.31 -22.21 10.40
N ASN A 188 -12.98 -21.68 11.43
CA ASN A 188 -13.49 -20.33 11.38
C ASN A 188 -12.66 -19.36 12.20
N SER A 189 -11.62 -19.81 12.89
CA SER A 189 -10.92 -18.92 13.81
C SER A 189 -9.99 -17.97 13.06
N VAL A 190 -9.79 -16.81 13.66
CA VAL A 190 -9.01 -15.73 13.07
C VAL A 190 -8.04 -15.21 14.13
N GLU A 191 -6.76 -15.14 13.78
CA GLU A 191 -5.73 -14.64 14.69
C GLU A 191 -5.11 -13.38 14.12
N ALA A 192 -4.64 -12.51 15.01
CA ALA A 192 -4.03 -11.24 14.63
C ALA A 192 -2.66 -11.10 15.28
N TYR A 193 -1.66 -10.79 14.46
CA TYR A 193 -0.27 -10.69 14.91
C TYR A 193 0.14 -9.24 15.08
N ASP A 194 0.64 -8.90 16.27
CA ASP A 194 1.18 -7.58 16.56
C ASP A 194 2.70 -7.66 16.52
N PRO A 195 3.37 -7.04 15.55
CA PRO A 195 4.82 -7.17 15.47
C PRO A 195 5.57 -6.45 16.56
N GLU A 196 4.97 -5.40 17.14
CA GLU A 196 5.64 -4.68 18.22
C GLU A 196 5.72 -5.55 19.47
N ARG A 197 4.68 -6.31 19.77
CA ARG A 197 4.64 -7.19 20.92
C ARG A 197 5.05 -8.62 20.60
N ASN A 198 5.17 -8.96 19.31
CA ASN A 198 5.46 -10.33 18.87
C ASN A 198 4.50 -11.32 19.51
N GLU A 199 3.21 -11.07 19.27
CA GLU A 199 2.11 -11.81 19.90
C GLU A 199 0.99 -12.01 18.90
N TRP A 200 0.38 -13.19 18.93
CA TRP A 200 -0.84 -13.47 18.19
C TRP A 200 -2.02 -13.46 19.14
N SER A 201 -3.06 -12.72 18.79
CA SER A 201 -4.28 -12.68 19.58
C SER A 201 -5.43 -13.23 18.75
N LEU A 202 -6.50 -13.62 19.43
CA LEU A 202 -7.71 -14.07 18.77
C LEU A 202 -8.64 -12.88 18.53
N VAL A 203 -9.28 -12.87 17.36
CA VAL A 203 -10.35 -11.90 17.14
C VAL A 203 -11.62 -12.66 16.77
N ALA A 204 -12.62 -11.94 16.28
CA ALA A 204 -13.91 -12.57 16.02
C ALA A 204 -13.77 -13.64 14.95
N PRO A 205 -14.40 -14.80 15.12
CA PRO A 205 -14.32 -15.85 14.10
C PRO A 205 -15.25 -15.55 12.93
N LEU A 206 -14.91 -16.17 11.80
CA LEU A 206 -15.79 -16.17 10.64
C LEU A 206 -17.14 -16.79 10.99
N SER A 207 -18.18 -16.38 10.27
CA SER A 207 -19.48 -17.01 10.46
C SER A 207 -19.51 -18.41 9.85
N THR A 208 -18.82 -18.60 8.72
CA THR A 208 -18.72 -19.91 8.07
C THR A 208 -17.28 -20.36 8.06
N ARG A 209 -17.04 -21.59 8.52
CA ARG A 209 -15.72 -22.20 8.44
C ARG A 209 -15.27 -22.26 6.99
N ARG A 210 -13.97 -22.07 6.76
CA ARG A 210 -13.50 -22.14 5.37
C ARG A 210 -12.01 -22.44 5.33
N SER A 211 -11.65 -23.51 4.63
CA SER A 211 -10.27 -23.78 4.29
C SER A 211 -10.03 -23.37 2.84
N GLY A 212 -8.78 -23.08 2.52
CA GLY A 212 -8.48 -22.65 1.16
C GLY A 212 -9.15 -21.35 0.78
N VAL A 213 -9.28 -20.45 1.75
CA VAL A 213 -9.94 -19.15 1.60
C VAL A 213 -8.93 -18.12 1.11
N GLY A 214 -9.36 -17.25 0.21
CA GLY A 214 -8.54 -16.13 -0.24
C GLY A 214 -8.91 -14.90 0.57
N VAL A 215 -7.90 -14.12 0.93
CA VAL A 215 -8.11 -12.98 1.82
C VAL A 215 -7.40 -11.76 1.25
N ALA A 216 -8.10 -10.63 1.23
CA ALA A 216 -7.49 -9.38 0.80
C ALA A 216 -8.09 -8.23 1.61
N VAL A 217 -7.38 -7.11 1.62
CA VAL A 217 -7.76 -5.93 2.39
C VAL A 217 -8.11 -4.82 1.43
N LEU A 218 -9.26 -4.18 1.65
CA LEU A 218 -9.70 -3.09 0.79
C LEU A 218 -10.50 -2.10 1.62
N ASN A 219 -10.10 -0.82 1.56
CA ASN A 219 -10.83 0.26 2.21
C ASN A 219 -11.04 -0.03 3.69
N GLY A 220 -10.02 -0.57 4.34
CA GLY A 220 -10.03 -0.77 5.78
C GLY A 220 -10.79 -1.97 6.27
N LEU A 221 -11.18 -2.88 5.38
CA LEU A 221 -11.85 -4.12 5.76
C LEU A 221 -11.07 -5.31 5.22
N ILE A 222 -11.15 -6.42 5.93
CA ILE A 222 -10.62 -7.69 5.45
C ILE A 222 -11.75 -8.46 4.79
N TYR A 223 -11.52 -8.93 3.57
CA TYR A 223 -12.50 -9.76 2.87
C TYR A 223 -12.02 -11.19 2.85
N ALA A 224 -12.87 -12.11 3.32
CA ALA A 224 -12.62 -13.54 3.25
C ALA A 224 -13.48 -14.11 2.13
N VAL A 225 -12.83 -14.62 1.09
CA VAL A 225 -13.46 -14.93 -0.19
C VAL A 225 -13.44 -16.44 -0.43
N GLY A 226 -14.62 -17.04 -0.53
CA GLY A 226 -14.67 -18.43 -0.94
C GLY A 226 -14.07 -19.38 0.09
N GLY A 227 -13.60 -20.52 -0.38
CA GLY A 227 -13.08 -21.55 0.50
C GLY A 227 -13.90 -22.81 0.40
N PHE A 228 -13.67 -23.72 1.35
CA PHE A 228 -14.30 -25.03 1.35
C PHE A 228 -14.60 -25.43 2.79
N ALA A 229 -15.74 -26.12 2.98
CA ALA A 229 -16.07 -26.64 4.30
C ALA A 229 -17.01 -27.83 4.14
N THR A 230 -17.03 -28.67 5.17
CA THR A 230 -18.03 -29.71 5.29
C THR A 230 -19.15 -29.15 6.17
N LEU A 231 -20.34 -29.01 5.60
CA LEU A 231 -21.42 -28.31 6.28
C LEU A 231 -22.65 -29.20 6.38
N GLU A 232 -23.37 -29.05 7.47
CA GLU A 232 -24.56 -29.86 7.74
C GLU A 232 -25.76 -29.30 7.00
N THR A 233 -26.49 -30.18 6.32
CA THR A 233 -27.73 -29.79 5.66
C THR A 233 -28.87 -29.69 6.69
N GLU A 234 -30.02 -29.24 6.21
CA GLU A 234 -31.20 -29.19 7.08
C GLU A 234 -31.60 -30.58 7.54
N SER A 235 -31.44 -31.59 6.67
CA SER A 235 -31.71 -32.97 7.04
C SER A 235 -30.64 -33.55 7.97
N GLY A 236 -29.54 -32.84 8.19
CA GLY A 236 -28.50 -33.29 9.08
C GLY A 236 -27.31 -33.96 8.41
N GLU A 237 -27.36 -34.16 7.10
CA GLU A 237 -26.24 -34.77 6.39
C GLU A 237 -25.10 -33.77 6.24
N LEU A 238 -23.87 -34.29 6.28
CA LEU A 238 -22.68 -33.48 6.10
C LEU A 238 -22.23 -33.59 4.65
N VAL A 239 -22.17 -32.46 3.95
CA VAL A 239 -21.84 -32.46 2.53
C VAL A 239 -20.63 -31.59 2.26
N PRO A 240 -19.73 -32.01 1.36
CA PRO A 240 -18.61 -31.14 0.97
C PRO A 240 -19.14 -29.96 0.17
N THR A 241 -18.70 -28.76 0.53
CA THR A 241 -19.26 -27.54 -0.02
C THR A 241 -18.13 -26.60 -0.38
N GLU A 242 -17.94 -26.34 -1.67
CA GLU A 242 -17.18 -25.18 -2.07
C GLU A 242 -18.03 -23.94 -1.83
N LEU A 243 -17.41 -22.85 -1.40
CA LEU A 243 -18.14 -21.68 -0.94
C LEU A 243 -18.14 -20.57 -1.97
N ASN A 244 -19.30 -19.91 -2.11
CA ASN A 244 -19.34 -18.63 -2.81
C ASN A 244 -19.49 -17.44 -1.86
N SER A 245 -19.69 -17.69 -0.57
CA SER A 245 -19.93 -16.59 0.35
C SER A 245 -18.65 -15.81 0.62
N VAL A 246 -18.84 -14.51 0.88
CA VAL A 246 -17.75 -13.58 1.14
C VAL A 246 -18.10 -12.81 2.40
N GLU A 247 -17.16 -12.77 3.35
CA GLU A 247 -17.37 -12.09 4.61
C GLU A 247 -16.36 -10.96 4.73
N ALA A 248 -16.79 -9.84 5.34
CA ALA A 248 -15.95 -8.67 5.50
C ALA A 248 -15.77 -8.37 6.97
N TYR A 249 -14.52 -8.18 7.40
CA TYR A 249 -14.20 -7.92 8.79
C TYR A 249 -13.92 -6.45 9.01
N ASP A 250 -14.64 -5.85 9.97
CA ASP A 250 -14.42 -4.48 10.39
C ASP A 250 -13.63 -4.50 11.68
N PRO A 251 -12.37 -4.06 11.69
CA PRO A 251 -11.57 -4.14 12.94
C PRO A 251 -12.06 -3.21 14.03
N GLU A 252 -12.74 -2.12 13.69
CA GLU A 252 -13.25 -1.21 14.70
C GLU A 252 -14.37 -1.85 15.50
N ARG A 253 -15.20 -2.66 14.85
CA ARG A 253 -16.31 -3.34 15.50
C ARG A 253 -15.97 -4.78 15.90
N ASN A 254 -14.87 -5.33 15.40
CA ASN A 254 -14.50 -6.73 15.59
C ASN A 254 -15.67 -7.64 15.22
N GLU A 255 -16.18 -7.44 14.01
CA GLU A 255 -17.31 -8.20 13.50
C GLU A 255 -17.10 -8.53 12.03
N TRP A 256 -17.57 -9.72 11.64
CA TRP A 256 -17.68 -10.12 10.25
C TRP A 256 -19.11 -9.95 9.78
N SER A 257 -19.26 -9.48 8.54
CA SER A 257 -20.57 -9.30 7.93
C SER A 257 -20.53 -9.83 6.50
N LEU A 258 -21.65 -10.38 6.04
CA LEU A 258 -21.70 -10.86 4.66
C LEU A 258 -21.78 -9.71 3.67
N VAL A 259 -21.08 -9.87 2.55
CA VAL A 259 -21.25 -9.00 1.39
C VAL A 259 -21.71 -9.86 0.21
N ALA A 260 -21.70 -9.30 -0.99
CA ALA A 260 -22.17 -10.04 -2.15
C ALA A 260 -21.31 -11.28 -2.37
N PRO A 261 -21.92 -12.40 -2.76
CA PRO A 261 -21.15 -13.63 -3.00
C PRO A 261 -20.52 -13.66 -4.38
N LEU A 262 -19.50 -14.50 -4.50
CA LEU A 262 -18.96 -14.86 -5.80
C LEU A 262 -20.05 -15.46 -6.67
N SER A 263 -19.91 -15.28 -7.98
CA SER A 263 -20.76 -16.03 -8.91
C SER A 263 -20.42 -17.52 -8.87
N THR A 264 -19.14 -17.85 -8.75
CA THR A 264 -18.65 -19.21 -8.87
C THR A 264 -18.06 -19.67 -7.55
N ARG A 265 -18.67 -20.70 -6.95
CA ARG A 265 -18.11 -21.33 -5.76
C ARG A 265 -16.69 -21.81 -6.05
N ARG A 266 -15.79 -21.57 -5.11
CA ARG A 266 -14.40 -21.93 -5.38
C ARG A 266 -13.59 -21.90 -4.10
N SER A 267 -12.61 -22.81 -4.01
CA SER A 267 -11.59 -22.78 -2.96
C SER A 267 -10.22 -22.78 -3.60
N GLY A 268 -9.19 -22.59 -2.78
CA GLY A 268 -7.85 -22.50 -3.34
C GLY A 268 -7.73 -21.38 -4.34
N VAL A 269 -8.45 -20.28 -4.11
CA VAL A 269 -8.55 -19.14 -5.00
C VAL A 269 -7.54 -18.08 -4.57
N GLY A 270 -6.89 -17.45 -5.55
CA GLY A 270 -5.99 -16.35 -5.27
C GLY A 270 -6.74 -15.03 -5.29
N VAL A 271 -6.47 -14.17 -4.32
CA VAL A 271 -7.24 -12.96 -4.13
C VAL A 271 -6.28 -11.79 -3.93
N ALA A 272 -6.49 -10.71 -4.69
CA ALA A 272 -5.66 -9.52 -4.55
C ALA A 272 -6.48 -8.28 -4.92
N VAL A 273 -5.96 -7.13 -4.50
CA VAL A 273 -6.68 -5.86 -4.67
C VAL A 273 -5.90 -4.99 -5.66
N LEU A 274 -6.63 -4.44 -6.63
CA LEU A 274 -6.04 -3.56 -7.64
C LEU A 274 -7.06 -2.51 -8.02
N ASN A 275 -6.68 -1.24 -7.89
CA ASN A 275 -7.50 -0.10 -8.30
C ASN A 275 -8.88 -0.14 -7.65
N GLY A 276 -8.91 -0.43 -6.35
CA GLY A 276 -10.13 -0.39 -5.60
C GLY A 276 -11.08 -1.55 -5.85
N LEU A 277 -10.63 -2.60 -6.52
CA LEU A 277 -11.41 -3.81 -6.75
C LEU A 277 -10.70 -5.01 -6.16
N ILE A 278 -11.46 -5.98 -5.67
CA ILE A 278 -10.92 -7.28 -5.27
C ILE A 278 -11.04 -8.23 -6.45
N TYR A 279 -9.95 -8.89 -6.80
CA TYR A 279 -9.96 -9.89 -7.85
C TYR A 279 -9.87 -11.27 -7.22
N ALA A 280 -10.76 -12.16 -7.64
CA ALA A 280 -10.73 -13.56 -7.24
C ALA A 280 -10.32 -14.38 -8.45
N VAL A 281 -9.18 -15.06 -8.35
CA VAL A 281 -8.49 -15.62 -9.51
C VAL A 281 -8.42 -17.13 -9.38
N GLY A 282 -9.02 -17.85 -10.35
CA GLY A 282 -8.85 -19.29 -10.41
C GLY A 282 -9.48 -20.02 -9.23
N GLY A 283 -8.96 -21.22 -8.96
CA GLY A 283 -9.39 -21.97 -7.80
C GLY A 283 -9.82 -23.37 -8.17
N TYR A 284 -10.51 -24.00 -7.21
CA TYR A 284 -10.80 -25.43 -7.21
C TYR A 284 -12.29 -25.63 -6.95
N ASP A 285 -12.87 -26.62 -7.62
CA ASP A 285 -14.27 -26.98 -7.41
C ASP A 285 -14.33 -28.51 -7.47
N GLY A 286 -14.47 -29.14 -6.31
CA GLY A 286 -14.46 -30.59 -6.22
C GLY A 286 -15.77 -31.28 -6.48
N SER A 287 -16.79 -30.55 -6.95
CA SER A 287 -18.07 -31.13 -7.30
C SER A 287 -17.89 -32.26 -8.31
N PRO A 288 -18.75 -33.29 -8.29
CA PRO A 288 -18.63 -34.37 -9.27
C PRO A 288 -19.01 -33.98 -10.69
N ASP A 289 -19.56 -32.81 -10.92
N ASP A 289 -19.57 -32.78 -10.89
CA ASP A 289 -19.82 -32.39 -12.28
CA ASP A 289 -19.93 -32.26 -12.20
C ASP A 289 -19.21 -31.01 -12.51
C ASP A 289 -19.11 -31.00 -12.47
N GLY A 290 -18.77 -30.78 -13.74
CA GLY A 290 -18.16 -29.54 -14.12
C GLY A 290 -16.67 -29.52 -13.90
N SER A 291 -16.08 -28.40 -14.32
CA SER A 291 -14.64 -28.24 -14.26
C SER A 291 -14.15 -28.26 -12.81
N THR A 292 -13.00 -28.89 -12.60
CA THR A 292 -12.41 -28.98 -11.28
C THR A 292 -11.42 -27.86 -11.01
N HIS A 293 -10.68 -27.43 -12.03
CA HIS A 293 -9.70 -26.37 -11.87
C HIS A 293 -10.16 -25.20 -12.72
N LEU A 294 -10.19 -24.01 -12.12
CA LEU A 294 -10.87 -22.87 -12.70
C LEU A 294 -9.91 -21.91 -13.38
N ASN A 295 -10.34 -21.36 -14.52
CA ASN A 295 -9.65 -20.22 -15.11
C ASN A 295 -10.42 -18.92 -14.91
N SER A 296 -11.60 -18.95 -14.30
CA SER A 296 -12.41 -17.74 -14.27
C SER A 296 -11.89 -16.76 -13.22
N VAL A 297 -12.13 -15.48 -13.47
CA VAL A 297 -11.67 -14.39 -12.63
C VAL A 297 -12.85 -13.46 -12.38
N GLU A 298 -13.09 -13.13 -11.12
CA GLU A 298 -14.17 -12.22 -10.74
C GLU A 298 -13.59 -10.99 -10.07
N ALA A 299 -14.28 -9.85 -10.22
CA ALA A 299 -13.84 -8.58 -9.65
C ALA A 299 -14.96 -7.99 -8.81
N TYR A 300 -14.63 -7.59 -7.59
CA TYR A 300 -15.59 -7.07 -6.63
C TYR A 300 -15.47 -5.55 -6.53
N ASP A 301 -16.59 -4.85 -6.72
CA ASP A 301 -16.68 -3.41 -6.56
C ASP A 301 -17.35 -3.13 -5.22
N PRO A 302 -16.64 -2.58 -4.23
CA PRO A 302 -17.26 -2.35 -2.91
C PRO A 302 -18.30 -1.23 -2.91
N GLU A 303 -18.19 -0.27 -3.84
CA GLU A 303 -19.19 0.79 -3.89
C GLU A 303 -20.54 0.24 -4.32
N ARG A 304 -20.54 -0.67 -5.30
CA ARG A 304 -21.77 -1.27 -5.80
C ARG A 304 -22.12 -2.59 -5.12
N ASN A 305 -21.19 -3.16 -4.34
CA ASN A 305 -21.39 -4.47 -3.72
C ASN A 305 -21.79 -5.51 -4.76
N GLU A 306 -20.97 -5.63 -5.80
CA GLU A 306 -21.23 -6.51 -6.92
C GLU A 306 -19.94 -7.19 -7.36
N TRP A 307 -20.04 -8.43 -7.79
CA TRP A 307 -18.94 -9.16 -8.41
C TRP A 307 -19.21 -9.23 -9.91
N SER A 308 -18.22 -8.86 -10.71
N SER A 308 -18.21 -8.86 -10.70
CA SER A 308 -18.31 -8.96 -12.16
CA SER A 308 -18.29 -8.94 -12.16
C SER A 308 -17.28 -9.95 -12.66
C SER A 308 -17.26 -9.93 -12.68
N LEU A 309 -17.49 -10.44 -13.89
CA LEU A 309 -16.54 -11.33 -14.53
C LEU A 309 -15.57 -10.50 -15.36
N VAL A 310 -14.29 -10.87 -15.33
CA VAL A 310 -13.34 -10.28 -16.26
C VAL A 310 -12.69 -11.39 -17.07
N ALA A 311 -11.62 -11.05 -17.78
CA ALA A 311 -11.01 -12.02 -18.68
C ALA A 311 -10.49 -13.22 -17.89
N PRO A 312 -10.71 -14.43 -18.38
CA PRO A 312 -10.19 -15.61 -17.68
C PRO A 312 -8.71 -15.81 -17.94
N LEU A 313 -8.10 -16.54 -17.02
CA LEU A 313 -6.73 -17.01 -17.19
C LEU A 313 -6.60 -17.87 -18.45
N SER A 314 -5.41 -17.89 -19.03
CA SER A 314 -5.19 -18.77 -20.17
C SER A 314 -5.07 -20.23 -19.73
N THR A 315 -4.50 -20.47 -18.54
CA THR A 315 -4.39 -21.81 -17.99
C THR A 315 -5.17 -21.89 -16.68
N ARG A 316 -6.04 -22.89 -16.57
CA ARG A 316 -6.75 -23.15 -15.33
C ARG A 316 -5.74 -23.40 -14.20
N ARG A 317 -6.08 -22.96 -12.99
CA ARG A 317 -5.14 -23.19 -11.90
C ARG A 317 -5.86 -23.12 -10.57
N SER A 318 -5.77 -24.19 -9.79
CA SER A 318 -6.17 -24.16 -8.39
C SER A 318 -4.93 -24.01 -7.51
N GLY A 319 -5.14 -23.50 -6.31
CA GLY A 319 -4.00 -23.29 -5.42
C GLY A 319 -2.98 -22.31 -5.98
N VAL A 320 -3.47 -21.29 -6.67
CA VAL A 320 -2.65 -20.27 -7.31
C VAL A 320 -2.38 -19.14 -6.32
N GLY A 321 -1.16 -18.62 -6.35
CA GLY A 321 -0.80 -17.46 -5.56
C GLY A 321 -0.94 -16.21 -6.42
N VAL A 322 -1.45 -15.14 -5.82
CA VAL A 322 -1.77 -13.92 -6.56
C VAL A 322 -1.23 -12.71 -5.80
N ALA A 323 -0.56 -11.81 -6.53
CA ALA A 323 -0.10 -10.57 -5.94
C ALA A 323 -0.15 -9.47 -6.99
N VAL A 324 -0.15 -8.23 -6.51
CA VAL A 324 -0.27 -7.05 -7.37
C VAL A 324 1.04 -6.28 -7.32
N LEU A 325 1.56 -5.93 -8.49
CA LEU A 325 2.80 -5.18 -8.57
C LEU A 325 2.78 -4.23 -9.76
N GLY B 6 -9.67 5.23 -2.42
CA GLY B 6 -9.86 5.42 -3.85
C GLY B 6 -10.19 6.84 -4.28
N LEU B 7 -10.01 7.79 -3.37
CA LEU B 7 -10.26 9.20 -3.63
C LEU B 7 -9.02 10.01 -3.30
N ILE B 8 -8.82 11.10 -4.04
CA ILE B 8 -7.80 12.09 -3.69
C ILE B 8 -8.45 13.17 -2.85
N TYR B 9 -7.83 13.49 -1.72
CA TYR B 9 -8.29 14.59 -0.88
C TYR B 9 -7.33 15.76 -1.01
N ALA B 10 -7.86 16.93 -1.35
CA ALA B 10 -7.10 18.16 -1.38
C ALA B 10 -7.46 18.96 -0.13
N VAL B 11 -6.47 19.18 0.75
CA VAL B 11 -6.70 19.65 2.11
C VAL B 11 -6.10 21.03 2.28
N GLY B 12 -6.94 22.02 2.59
CA GLY B 12 -6.41 23.32 2.94
C GLY B 12 -5.71 24.01 1.79
N GLY B 13 -4.78 24.88 2.13
CA GLY B 13 -4.10 25.70 1.14
C GLY B 13 -4.39 27.17 1.34
N PHE B 14 -4.02 27.95 0.33
CA PHE B 14 -4.14 29.41 0.40
C PHE B 14 -4.56 29.95 -0.96
N ALA B 15 -5.38 30.99 -0.96
CA ALA B 15 -5.73 31.66 -2.20
C ALA B 15 -6.13 33.10 -1.91
N THR B 16 -6.03 33.93 -2.94
CA THR B 16 -6.60 35.26 -2.90
C THR B 16 -7.98 35.18 -3.54
N LEU B 17 -9.02 35.45 -2.74
CA LEU B 17 -10.38 35.22 -3.18
C LEU B 17 -11.20 36.50 -3.09
N GLU B 18 -12.14 36.62 -4.02
CA GLU B 18 -12.98 37.81 -4.11
C GLU B 18 -14.15 37.71 -3.15
N THR B 19 -14.40 38.79 -2.42
CA THR B 19 -15.57 38.88 -1.56
C THR B 19 -16.80 39.28 -2.37
N GLU B 20 -17.96 39.24 -1.72
CA GLU B 20 -19.19 39.66 -2.39
C GLU B 20 -19.13 41.12 -2.80
N SER B 21 -18.46 41.96 -2.01
CA SER B 21 -18.26 43.36 -2.36
C SER B 21 -17.24 43.54 -3.47
N GLY B 22 -16.47 42.50 -3.82
CA GLY B 22 -15.50 42.58 -4.87
C GLY B 22 -14.06 42.73 -4.42
N GLU B 23 -13.81 42.87 -3.12
CA GLU B 23 -12.45 42.98 -2.62
C GLU B 23 -11.76 41.63 -2.66
N LEU B 24 -10.46 41.67 -2.96
CA LEU B 24 -9.62 40.47 -2.98
C LEU B 24 -8.92 40.35 -1.64
N VAL B 25 -9.16 39.25 -0.93
CA VAL B 25 -8.59 39.08 0.40
C VAL B 25 -7.74 37.82 0.47
N PRO B 26 -6.59 37.87 1.15
CA PRO B 26 -5.80 36.65 1.36
C PRO B 26 -6.56 35.72 2.29
N THR B 27 -6.67 34.45 1.89
CA THR B 27 -7.51 33.49 2.59
C THR B 27 -6.74 32.18 2.77
N GLU B 28 -6.42 31.84 4.01
CA GLU B 28 -6.06 30.46 4.31
C GLU B 28 -7.33 29.63 4.28
N LEU B 29 -7.23 28.40 3.78
CA LEU B 29 -8.41 27.60 3.50
C LEU B 29 -8.62 26.52 4.54
N ASN B 30 -9.88 26.30 4.92
CA ASN B 30 -10.25 25.11 5.66
C ASN B 30 -11.00 24.09 4.82
N SER B 31 -11.37 24.44 3.59
CA SER B 31 -12.15 23.53 2.77
C SER B 31 -11.30 22.36 2.29
N VAL B 32 -11.97 21.23 2.10
CA VAL B 32 -11.36 19.97 1.68
C VAL B 32 -12.20 19.42 0.53
N GLU B 33 -11.54 19.09 -0.57
CA GLU B 33 -12.22 18.58 -1.75
C GLU B 33 -11.74 17.16 -2.02
N ALA B 34 -12.64 16.30 -2.48
CA ALA B 34 -12.33 14.90 -2.75
C ALA B 34 -12.56 14.61 -4.23
N TYR B 35 -11.57 13.99 -4.86
CA TYR B 35 -11.63 13.69 -6.29
C TYR B 35 -11.95 12.22 -6.51
N ASP B 36 -12.99 11.96 -7.30
CA ASP B 36 -13.37 10.60 -7.70
C ASP B 36 -12.89 10.39 -9.12
N PRO B 37 -11.89 9.53 -9.36
CA PRO B 37 -11.39 9.37 -10.74
C PRO B 37 -12.37 8.73 -11.69
N GLU B 38 -13.32 7.94 -11.18
CA GLU B 38 -14.31 7.31 -12.05
C GLU B 38 -15.26 8.35 -12.64
N ARG B 39 -15.61 9.38 -11.87
CA ARG B 39 -16.49 10.43 -12.32
C ARG B 39 -15.74 11.66 -12.83
N ASN B 40 -14.44 11.75 -12.58
CA ASN B 40 -13.63 12.93 -12.90
C ASN B 40 -14.30 14.18 -12.33
N GLU B 41 -14.57 14.13 -11.02
CA GLU B 41 -15.30 15.19 -10.32
C GLU B 41 -14.69 15.40 -8.94
N TRP B 42 -14.61 16.66 -8.53
CA TRP B 42 -14.28 17.04 -7.17
C TRP B 42 -15.57 17.38 -6.42
N SER B 43 -15.64 16.95 -5.15
CA SER B 43 -16.78 17.24 -4.29
C SER B 43 -16.29 17.68 -2.92
N LEU B 44 -17.04 18.57 -2.28
CA LEU B 44 -16.65 19.00 -0.94
C LEU B 44 -16.93 17.91 0.09
N VAL B 45 -16.02 17.79 1.06
CA VAL B 45 -16.28 16.99 2.26
C VAL B 45 -16.14 17.91 3.46
N ALA B 46 -16.11 17.33 4.67
CA ALA B 46 -16.07 18.16 5.87
C ALA B 46 -14.79 18.99 5.89
N PRO B 47 -14.86 20.23 6.35
CA PRO B 47 -13.67 21.10 6.39
C PRO B 47 -12.82 20.85 7.63
N LEU B 48 -11.57 21.26 7.51
CA LEU B 48 -10.69 21.36 8.67
C LEU B 48 -11.31 22.28 9.71
N SER B 49 -11.00 22.01 10.98
CA SER B 49 -11.32 22.99 12.02
C SER B 49 -10.50 24.25 11.86
N THR B 50 -9.22 24.10 11.49
CA THR B 50 -8.26 25.21 11.47
C THR B 50 -7.80 25.47 10.04
N ARG B 51 -8.10 26.66 9.53
CA ARG B 51 -7.58 27.09 8.24
C ARG B 51 -6.07 27.01 8.24
N ARG B 52 -5.50 26.50 7.15
CA ARG B 52 -4.05 26.33 7.14
C ARG B 52 -3.58 26.04 5.73
N SER B 53 -2.37 26.54 5.41
CA SER B 53 -1.65 26.20 4.19
C SER B 53 -0.28 25.67 4.57
N GLY B 54 0.43 25.15 3.56
CA GLY B 54 1.73 24.56 3.84
C GLY B 54 1.64 23.44 4.85
N VAL B 55 0.54 22.68 4.80
CA VAL B 55 0.20 21.63 5.74
C VAL B 55 0.66 20.30 5.17
N GLY B 56 1.21 19.43 6.03
CA GLY B 56 1.59 18.09 5.62
C GLY B 56 0.43 17.13 5.84
N VAL B 57 0.18 16.27 4.85
CA VAL B 57 -0.99 15.42 4.86
C VAL B 57 -0.57 13.99 4.53
N ALA B 58 -1.00 13.03 5.36
CA ALA B 58 -0.70 11.63 5.10
C ALA B 58 -1.82 10.76 5.67
N VAL B 59 -1.86 9.51 5.20
CA VAL B 59 -2.94 8.58 5.55
C VAL B 59 -2.37 7.46 6.40
N LEU B 60 -3.05 7.16 7.51
CA LEU B 60 -2.62 6.10 8.41
C LEU B 60 -3.86 5.47 9.03
N ASN B 61 -3.99 4.15 8.88
CA ASN B 61 -5.06 3.38 9.48
C ASN B 61 -6.44 3.93 9.10
N GLY B 62 -6.61 4.25 7.82
CA GLY B 62 -7.89 4.70 7.31
C GLY B 62 -8.29 6.11 7.69
N LEU B 63 -7.37 6.90 8.22
CA LEU B 63 -7.61 8.30 8.55
C LEU B 63 -6.63 9.18 7.79
N ILE B 64 -7.08 10.39 7.44
CA ILE B 64 -6.19 11.41 6.90
C ILE B 64 -5.73 12.31 8.04
N TYR B 65 -4.42 12.51 8.15
CA TYR B 65 -3.88 13.41 9.15
C TYR B 65 -3.41 14.68 8.46
N ALA B 66 -3.82 15.83 9.01
CA ALA B 66 -3.37 17.14 8.56
C ALA B 66 -2.47 17.71 9.64
N VAL B 67 -1.21 17.94 9.30
CA VAL B 67 -0.15 18.16 10.29
C VAL B 67 0.44 19.56 10.09
N GLY B 68 0.34 20.39 11.13
CA GLY B 68 1.00 21.69 11.11
C GLY B 68 0.47 22.64 10.02
N GLY B 69 1.33 23.56 9.62
CA GLY B 69 1.00 24.46 8.54
C GLY B 69 1.17 25.91 8.94
N TYR B 70 0.59 26.79 8.11
CA TYR B 70 0.83 28.23 8.12
C TYR B 70 -0.50 28.95 8.13
N ASP B 71 -0.55 30.06 8.88
CA ASP B 71 -1.74 30.91 8.93
C ASP B 71 -1.24 32.35 8.95
N GLY B 72 -1.36 33.03 7.81
CA GLY B 72 -0.84 34.37 7.65
C GLY B 72 -1.74 35.48 8.14
N SER B 73 -2.85 35.16 8.81
CA SER B 73 -3.74 36.15 9.38
C SER B 73 -2.98 37.10 10.30
N PRO B 74 -3.39 38.37 10.41
CA PRO B 74 -2.70 39.30 11.31
C PRO B 74 -2.94 39.02 12.79
N ASP B 75 -3.86 38.09 13.12
N ASP B 75 -3.83 38.11 13.16
CA ASP B 75 -4.17 37.65 14.48
CA ASP B 75 -3.97 37.77 14.56
C ASP B 75 -3.73 36.20 14.63
C ASP B 75 -3.85 36.26 14.71
N GLY B 76 -3.25 35.84 15.82
CA GLY B 76 -3.07 34.45 16.13
C GLY B 76 -1.76 33.89 15.64
N SER B 77 -1.54 32.63 15.99
CA SER B 77 -0.30 31.96 15.65
C SER B 77 -0.13 31.86 14.15
N THR B 78 1.10 32.05 13.69
CA THR B 78 1.42 31.96 12.27
C THR B 78 1.87 30.57 11.86
N HIS B 79 2.58 29.87 12.74
CA HIS B 79 3.06 28.54 12.44
C HIS B 79 2.38 27.58 13.41
N LEU B 80 1.82 26.50 12.86
CA LEU B 80 0.89 25.67 13.61
C LEU B 80 1.55 24.40 14.12
N ASN B 81 1.18 24.01 15.35
CA ASN B 81 1.51 22.67 15.82
C ASN B 81 0.31 21.73 15.83
N SER B 82 -0.87 22.21 15.46
CA SER B 82 -2.05 21.37 15.62
C SER B 82 -2.14 20.32 14.52
N VAL B 83 -2.78 19.20 14.86
CA VAL B 83 -2.91 18.05 13.99
C VAL B 83 -4.37 17.61 14.01
N GLU B 84 -4.96 17.44 12.84
CA GLU B 84 -6.34 16.98 12.70
C GLU B 84 -6.37 15.65 11.97
N ALA B 85 -7.38 14.84 12.28
CA ALA B 85 -7.55 13.52 11.69
C ALA B 85 -8.94 13.39 11.10
N TYR B 86 -9.02 12.96 9.85
CA TYR B 86 -10.28 12.85 9.12
C TYR B 86 -10.72 11.40 9.05
N ASP B 87 -11.96 11.15 9.50
CA ASP B 87 -12.60 9.84 9.41
C ASP B 87 -13.57 9.86 8.23
N PRO B 88 -13.30 9.12 7.15
CA PRO B 88 -14.20 9.18 5.99
C PRO B 88 -15.55 8.54 6.23
N GLU B 89 -15.63 7.56 7.12
CA GLU B 89 -16.92 6.93 7.41
C GLU B 89 -17.87 7.91 8.07
N ARG B 90 -17.36 8.72 9.01
CA ARG B 90 -18.15 9.70 9.71
C ARG B 90 -18.12 11.08 9.06
N ASN B 91 -17.23 11.30 8.10
CA ASN B 91 -17.03 12.60 7.46
C ASN B 91 -16.82 13.69 8.52
N GLU B 92 -15.81 13.47 9.35
CA GLU B 92 -15.54 14.30 10.51
C GLU B 92 -14.04 14.46 10.68
N TRP B 93 -13.61 15.66 11.05
CA TRP B 93 -12.23 15.92 11.44
C TRP B 93 -12.16 16.03 12.96
N SER B 94 -11.22 15.30 13.57
CA SER B 94 -10.98 15.36 14.99
C SER B 94 -9.59 15.93 15.25
N LEU B 95 -9.40 16.45 16.46
CA LEU B 95 -8.08 16.88 16.90
C LEU B 95 -7.35 15.71 17.55
N VAL B 96 -6.06 15.60 17.26
CA VAL B 96 -5.22 14.68 18.01
C VAL B 96 -4.07 15.45 18.65
N ALA B 97 -3.07 14.74 19.16
CA ALA B 97 -2.01 15.39 19.90
C ALA B 97 -1.24 16.35 19.00
N PRO B 98 -0.90 17.54 19.47
CA PRO B 98 -0.15 18.48 18.65
C PRO B 98 1.32 18.12 18.59
N LEU B 99 1.97 18.62 17.54
CA LEU B 99 3.42 18.55 17.45
C LEU B 99 4.08 19.25 18.63
N SER B 100 5.29 18.81 18.97
CA SER B 100 6.05 19.51 20.00
C SER B 100 6.55 20.85 19.48
N THR B 101 6.96 20.93 18.21
CA THR B 101 7.44 22.16 17.60
C THR B 101 6.50 22.54 16.47
N ARG B 102 6.04 23.80 16.49
CA ARG B 102 5.27 24.35 15.39
C ARG B 102 6.05 24.25 14.10
N ARG B 103 5.36 24.01 12.98
CA ARG B 103 6.09 23.92 11.72
C ARG B 103 5.15 24.17 10.56
N SER B 104 5.49 25.14 9.73
CA SER B 104 4.85 25.33 8.44
C SER B 104 5.76 24.77 7.34
N GLY B 105 5.15 24.40 6.22
CA GLY B 105 5.95 23.83 5.14
C GLY B 105 6.62 22.53 5.53
N VAL B 106 5.94 21.73 6.32
CA VAL B 106 6.43 20.46 6.84
C VAL B 106 6.08 19.35 5.86
N GLY B 107 7.02 18.42 5.66
CA GLY B 107 6.77 17.22 4.86
C GLY B 107 6.36 16.09 5.78
N VAL B 108 5.39 15.30 5.33
CA VAL B 108 4.82 14.26 6.17
C VAL B 108 4.74 12.96 5.37
N ALA B 109 5.16 11.86 5.98
CA ALA B 109 5.01 10.55 5.36
C ALA B 109 4.76 9.51 6.45
N VAL B 110 4.22 8.37 6.04
CA VAL B 110 3.86 7.29 6.94
C VAL B 110 4.77 6.10 6.67
N LEU B 111 5.35 5.54 7.73
CA LEU B 111 6.24 4.40 7.61
C LEU B 111 6.10 3.52 8.84
N ASN B 112 5.86 2.23 8.61
CA ASN B 112 5.79 1.24 9.68
C ASN B 112 4.83 1.67 10.78
N GLY B 113 3.68 2.23 10.39
CA GLY B 113 2.63 2.54 11.33
C GLY B 113 2.80 3.82 12.10
N LEU B 114 3.77 4.65 11.70
CA LEU B 114 4.00 5.95 12.36
C LEU B 114 3.94 7.09 11.34
N ILE B 115 3.48 8.24 11.79
CA ILE B 115 3.53 9.45 10.92
C ILE B 115 4.81 10.20 11.25
N TYR B 116 5.55 10.56 10.22
CA TYR B 116 6.78 11.36 10.44
C TYR B 116 6.56 12.77 9.93
N ALA B 117 6.79 13.72 10.80
CA ALA B 117 6.74 15.13 10.43
C ALA B 117 8.17 15.64 10.30
N VAL B 118 8.54 16.03 9.08
CA VAL B 118 9.94 16.24 8.69
C VAL B 118 10.17 17.72 8.38
N GLY B 119 11.05 18.36 9.14
CA GLY B 119 11.44 19.72 8.79
C GLY B 119 10.30 20.71 8.92
N GLY B 120 10.39 21.79 8.16
CA GLY B 120 9.43 22.88 8.26
C GLY B 120 10.10 24.15 8.70
N PHE B 121 9.26 25.13 9.05
CA PHE B 121 9.75 26.46 9.41
C PHE B 121 8.89 27.01 10.55
N ALA B 122 9.52 27.74 11.47
CA ALA B 122 8.79 28.39 12.54
C ALA B 122 9.58 29.60 13.03
N THR B 123 8.86 30.52 13.65
CA THR B 123 9.47 31.62 14.39
C THR B 123 9.53 31.20 15.84
N LEU B 124 10.74 31.05 16.37
CA LEU B 124 10.92 30.45 17.68
C LEU B 124 11.69 31.39 18.59
N GLU B 125 11.36 31.33 19.88
CA GLU B 125 11.95 32.20 20.88
C GLU B 125 13.29 31.64 21.34
N THR B 126 14.29 32.50 21.40
CA THR B 126 15.62 32.12 21.88
C THR B 126 15.68 32.16 23.41
N GLY B 129 14.93 35.48 24.68
CA GLY B 129 13.60 35.95 24.39
C GLY B 129 13.37 36.52 23.00
N GLU B 130 14.41 36.59 22.17
CA GLU B 130 14.24 37.08 20.81
C GLU B 130 13.57 36.02 19.95
N LEU B 131 12.76 36.47 19.00
CA LEU B 131 12.09 35.60 18.06
C LEU B 131 12.90 35.57 16.75
N VAL B 132 13.30 34.39 16.33
CA VAL B 132 14.15 34.28 15.14
C VAL B 132 13.52 33.33 14.13
N PRO B 133 13.61 33.64 12.84
CA PRO B 133 13.14 32.68 11.82
C PRO B 133 14.04 31.47 11.81
N THR B 134 13.43 30.29 11.84
CA THR B 134 14.17 29.04 12.00
C THR B 134 13.64 28.02 11.00
N GLU B 135 14.48 27.65 10.03
CA GLU B 135 14.22 26.42 9.30
C GLU B 135 14.56 25.25 10.22
N LEU B 136 13.78 24.17 10.12
CA LEU B 136 13.87 23.09 11.09
C LEU B 136 14.60 21.88 10.51
N ASN B 137 15.44 21.26 11.34
CA ASN B 137 15.94 19.93 11.04
C ASN B 137 15.28 18.84 11.87
N SER B 138 14.46 19.20 12.86
CA SER B 138 13.88 18.20 13.73
C SER B 138 12.81 17.39 13.02
N VAL B 139 12.66 16.15 13.45
CA VAL B 139 11.72 15.18 12.88
C VAL B 139 10.96 14.56 14.04
N GLU B 140 9.64 14.57 13.96
CA GLU B 140 8.80 14.01 15.02
C GLU B 140 8.00 12.85 14.45
N ALA B 141 7.79 11.81 15.26
CA ALA B 141 7.07 10.63 14.85
C ALA B 141 5.82 10.47 15.72
N TYR B 142 4.68 10.25 15.08
CA TYR B 142 3.40 10.12 15.77
C TYR B 142 3.00 8.64 15.84
N ASP B 143 2.75 8.16 17.07
CA ASP B 143 2.24 6.82 17.30
C ASP B 143 0.74 6.94 17.56
N PRO B 144 -0.12 6.45 16.66
CA PRO B 144 -1.57 6.63 16.88
C PRO B 144 -2.11 5.81 18.03
N GLU B 145 -1.46 4.72 18.41
CA GLU B 145 -1.91 3.92 19.54
C GLU B 145 -1.74 4.67 20.85
N ARG B 146 -0.68 5.47 20.96
CA ARG B 146 -0.41 6.24 22.17
C ARG B 146 -0.87 7.69 22.06
N ASN B 147 -1.21 8.15 20.85
CA ASN B 147 -1.54 9.55 20.58
C ASN B 147 -0.44 10.46 21.13
N GLU B 148 0.79 10.18 20.71
CA GLU B 148 1.97 10.89 21.18
C GLU B 148 2.94 11.10 20.03
N TRP B 149 3.57 12.27 20.01
CA TRP B 149 4.70 12.57 19.13
C TRP B 149 6.00 12.40 19.92
N SER B 150 7.01 11.86 19.26
CA SER B 150 8.33 11.67 19.85
C SER B 150 9.40 12.06 18.83
N LEU B 151 10.50 12.61 19.31
CA LEU B 151 11.60 12.97 18.42
C LEU B 151 12.33 11.73 17.92
N VAL B 152 12.72 11.77 16.65
CA VAL B 152 13.67 10.81 16.10
C VAL B 152 14.87 11.58 15.58
N ALA B 153 15.75 10.90 14.84
CA ALA B 153 16.96 11.56 14.37
C ALA B 153 16.61 12.73 13.45
N PRO B 154 17.35 13.84 13.56
CA PRO B 154 17.07 15.01 12.72
C PRO B 154 17.70 14.89 11.33
N LEU B 155 17.14 15.67 10.42
CA LEU B 155 17.77 15.89 9.13
C LEU B 155 19.17 16.46 9.31
N SER B 156 20.06 16.14 8.37
CA SER B 156 21.34 16.85 8.33
C SER B 156 21.14 18.32 7.97
N THR B 157 20.23 18.60 7.05
CA THR B 157 20.04 19.93 6.48
C THR B 157 18.68 20.48 6.86
N ARG B 158 18.68 21.60 7.61
CA ARG B 158 17.44 22.31 7.91
C ARG B 158 16.74 22.69 6.63
N ARG B 159 15.42 22.51 6.59
CA ARG B 159 14.73 22.78 5.34
C ARG B 159 13.23 22.83 5.59
N SER B 160 12.56 23.70 4.82
CA SER B 160 11.10 23.73 4.76
C SER B 160 10.65 23.61 3.31
N GLY B 161 9.35 23.46 3.10
CA GLY B 161 8.86 23.25 1.75
C GLY B 161 9.50 22.05 1.10
N VAL B 162 9.74 21.00 1.89
CA VAL B 162 10.44 19.79 1.46
C VAL B 162 9.41 18.73 1.09
N GLY B 163 9.70 17.99 0.01
CA GLY B 163 8.85 16.88 -0.39
C GLY B 163 9.31 15.60 0.29
N VAL B 164 8.36 14.83 0.81
CA VAL B 164 8.69 13.67 1.63
C VAL B 164 7.86 12.49 1.16
N ALA B 165 8.52 11.35 0.91
CA ALA B 165 7.81 10.14 0.48
C ALA B 165 8.58 8.92 0.94
N VAL B 166 7.90 7.77 0.94
CA VAL B 166 8.43 6.53 1.48
C VAL B 166 8.63 5.54 0.34
N LEU B 167 9.81 4.93 0.29
CA LEU B 167 10.14 3.95 -0.74
C LEU B 167 11.06 2.91 -0.13
N ASN B 168 10.65 1.64 -0.20
CA ASN B 168 11.46 0.51 0.24
C ASN B 168 11.88 0.65 1.70
N GLY B 169 10.94 1.05 2.55
CA GLY B 169 11.21 1.14 3.96
C GLY B 169 12.06 2.32 4.40
N LEU B 170 12.29 3.28 3.52
CA LEU B 170 13.03 4.50 3.85
C LEU B 170 12.16 5.72 3.60
N ILE B 171 12.35 6.77 4.41
CA ILE B 171 11.75 8.07 4.14
C ILE B 171 12.74 8.92 3.37
N TYR B 172 12.30 9.50 2.27
CA TYR B 172 13.14 10.39 1.48
C TYR B 172 12.67 11.82 1.70
N ALA B 173 13.61 12.71 2.01
CA ALA B 173 13.35 14.13 2.13
C ALA B 173 14.02 14.82 0.96
N VAL B 174 13.22 15.46 0.10
CA VAL B 174 13.65 15.88 -1.23
C VAL B 174 13.57 17.40 -1.33
N GLY B 175 14.71 18.04 -1.58
CA GLY B 175 14.72 19.47 -1.86
C GLY B 175 14.26 20.32 -0.69
N GLY B 176 13.78 21.52 -1.01
CA GLY B 176 13.23 22.40 0.00
C GLY B 176 13.84 23.78 -0.04
N TYR B 177 13.61 24.52 1.05
CA TYR B 177 13.86 25.95 1.13
C TYR B 177 14.65 26.24 2.40
N ASP B 178 15.59 27.18 2.31
CA ASP B 178 16.38 27.62 3.46
C ASP B 178 16.53 29.13 3.34
N GLY B 179 15.77 29.87 4.14
CA GLY B 179 15.74 31.32 4.06
C GLY B 179 16.84 32.03 4.81
N SER B 180 17.82 31.31 5.33
CA SER B 180 18.98 31.91 6.00
C SER B 180 19.65 32.94 5.11
N PRO B 181 20.24 34.00 5.67
CA PRO B 181 20.94 34.98 4.84
C PRO B 181 22.25 34.47 4.25
N ASP B 182 22.71 33.28 4.66
N ASP B 182 22.74 33.30 4.62
CA ASP B 182 23.89 32.61 4.15
CA ASP B 182 23.92 32.77 3.96
C ASP B 182 23.49 31.35 3.42
C ASP B 182 23.62 31.36 3.47
N GLY B 183 24.21 31.01 2.35
CA GLY B 183 24.05 29.71 1.75
C GLY B 183 22.91 29.65 0.75
N SER B 184 22.79 28.48 0.14
CA SER B 184 21.78 28.26 -0.89
C SER B 184 20.38 28.39 -0.30
N THR B 185 19.49 29.00 -1.07
CA THR B 185 18.10 29.18 -0.65
C THR B 185 17.21 28.05 -1.11
N HIS B 186 17.46 27.50 -2.29
CA HIS B 186 16.65 26.42 -2.84
C HIS B 186 17.54 25.19 -2.94
N LEU B 187 17.07 24.07 -2.42
CA LEU B 187 17.91 22.91 -2.18
C LEU B 187 17.74 21.85 -3.27
N ASN B 188 18.85 21.22 -3.66
CA ASN B 188 18.79 20.00 -4.44
C ASN B 188 19.09 18.75 -3.62
N SER B 189 19.43 18.89 -2.35
CA SER B 189 19.89 17.72 -1.61
C SER B 189 18.72 16.82 -1.20
N VAL B 190 19.03 15.54 -1.07
CA VAL B 190 18.04 14.52 -0.77
C VAL B 190 18.59 13.65 0.36
N GLU B 191 17.80 13.45 1.41
CA GLU B 191 18.19 12.62 2.54
C GLU B 191 17.26 11.43 2.65
N ALA B 192 17.77 10.32 3.17
CA ALA B 192 17.00 9.08 3.34
C ALA B 192 17.09 8.62 4.77
N TYR B 193 15.94 8.32 5.37
CA TYR B 193 15.85 7.93 6.77
C TYR B 193 15.63 6.42 6.87
N ASP B 194 16.50 5.76 7.64
CA ASP B 194 16.37 4.34 7.96
C ASP B 194 15.79 4.21 9.36
N PRO B 195 14.56 3.71 9.52
CA PRO B 195 13.98 3.63 10.87
C PRO B 195 14.63 2.58 11.75
N GLU B 196 15.20 1.53 11.17
CA GLU B 196 15.86 0.50 11.97
C GLU B 196 17.11 1.06 12.64
N ARG B 197 17.87 1.87 11.93
CA ARG B 197 19.09 2.48 12.46
C ARG B 197 18.86 3.87 13.05
N ASN B 198 17.69 4.46 12.80
CA ASN B 198 17.38 5.83 13.24
C ASN B 198 18.48 6.79 12.77
N GLU B 199 18.70 6.79 11.46
CA GLU B 199 19.76 7.56 10.82
C GLU B 199 19.26 8.13 9.51
N TRP B 200 19.68 9.36 9.21
CA TRP B 200 19.47 9.98 7.90
C TRP B 200 20.78 9.93 7.13
N SER B 201 20.73 9.47 5.88
CA SER B 201 21.89 9.45 5.01
C SER B 201 21.61 10.33 3.79
N LEU B 202 22.68 10.73 3.12
CA LEU B 202 22.56 11.48 1.89
C LEU B 202 22.48 10.53 0.71
N VAL B 203 21.65 10.86 -0.28
CA VAL B 203 21.67 10.14 -1.54
C VAL B 203 21.91 11.15 -2.66
N ALA B 204 21.73 10.72 -3.90
CA ALA B 204 22.05 11.58 -5.03
C ALA B 204 21.17 12.82 -5.02
N PRO B 205 21.72 14.00 -5.29
CA PRO B 205 20.91 15.21 -5.32
C PRO B 205 20.12 15.33 -6.61
N LEU B 206 19.05 16.12 -6.52
CA LEU B 206 18.30 16.51 -7.71
C LEU B 206 19.20 17.23 -8.70
N SER B 207 18.83 17.14 -9.98
CA SER B 207 19.54 17.91 -11.00
C SER B 207 19.22 19.40 -10.89
N THR B 208 17.97 19.73 -10.56
CA THR B 208 17.54 21.11 -10.41
C THR B 208 17.08 21.34 -8.98
N ARG B 209 17.62 22.39 -8.34
CA ARG B 209 17.15 22.78 -7.02
C ARG B 209 15.66 23.09 -7.06
N ARG B 210 14.96 22.77 -5.97
CA ARG B 210 13.53 23.06 -5.98
C ARG B 210 13.00 23.14 -4.56
N SER B 211 12.40 24.27 -4.22
CA SER B 211 11.63 24.39 -3.00
C SER B 211 10.14 24.28 -3.34
N GLY B 212 9.35 23.88 -2.34
CA GLY B 212 7.92 23.71 -2.60
C GLY B 212 7.63 22.64 -3.62
N VAL B 213 8.42 21.58 -3.62
CA VAL B 213 8.32 20.46 -4.55
C VAL B 213 7.36 19.41 -4.01
N GLY B 214 6.54 18.85 -4.89
CA GLY B 214 5.67 17.75 -4.54
C GLY B 214 6.35 16.43 -4.89
N VAL B 215 6.21 15.44 -4.01
CA VAL B 215 6.92 14.19 -4.17
C VAL B 215 5.95 13.03 -3.97
N ALA B 216 6.01 12.05 -4.86
CA ALA B 216 5.22 10.83 -4.70
C ALA B 216 5.99 9.65 -5.25
N VAL B 217 5.59 8.46 -4.82
CA VAL B 217 6.26 7.22 -5.19
C VAL B 217 5.33 6.40 -6.07
N LEU B 218 5.85 5.91 -7.20
CA LEU B 218 5.04 5.13 -8.12
C LEU B 218 5.94 4.11 -8.82
N ASN B 219 5.54 2.83 -8.75
CA ASN B 219 6.24 1.76 -9.44
C ASN B 219 7.74 1.75 -9.10
N GLY B 220 8.03 1.97 -7.83
CA GLY B 220 9.39 1.84 -7.33
C GLY B 220 10.31 3.02 -7.60
N LEU B 221 9.77 4.16 -8.04
CA LEU B 221 10.54 5.36 -8.27
C LEU B 221 9.95 6.51 -7.47
N ILE B 222 10.81 7.43 -7.06
CA ILE B 222 10.37 8.69 -6.46
C ILE B 222 10.28 9.74 -7.55
N TYR B 223 9.14 10.42 -7.63
CA TYR B 223 8.97 11.52 -8.57
C TYR B 223 9.01 12.84 -7.82
N ALA B 224 9.87 13.75 -8.25
CA ALA B 224 9.94 15.10 -7.73
C ALA B 224 9.31 16.03 -8.76
N VAL B 225 8.20 16.65 -8.38
CA VAL B 225 7.29 17.33 -9.31
C VAL B 225 7.29 18.83 -9.03
N GLY B 226 7.71 19.61 -10.02
CA GLY B 226 7.58 21.05 -9.90
C GLY B 226 8.45 21.64 -8.80
N GLY B 227 8.02 22.76 -8.27
CA GLY B 227 8.79 23.50 -7.28
C GLY B 227 9.19 24.86 -7.80
N PHE B 228 10.11 25.49 -7.08
CA PHE B 228 10.55 26.85 -7.38
C PHE B 228 12.03 26.97 -7.11
N ALA B 229 12.73 27.74 -7.95
CA ALA B 229 14.14 28.03 -7.73
C ALA B 229 14.50 29.35 -8.38
N THR B 230 15.57 29.95 -7.88
CA THR B 230 16.18 31.09 -8.54
C THR B 230 17.32 30.55 -9.40
N LEU B 231 17.20 30.72 -10.71
CA LEU B 231 18.10 30.05 -11.63
C LEU B 231 18.78 31.06 -12.54
N GLU B 232 20.03 30.74 -12.90
CA GLU B 232 20.86 31.62 -13.70
C GLU B 232 20.53 31.46 -15.18
N THR B 233 20.32 32.58 -15.87
CA THR B 233 20.09 32.57 -17.30
C THR B 233 21.42 32.55 -18.04
N GLU B 237 21.95 36.38 -15.55
CA GLU B 237 20.93 36.93 -14.67
C GLU B 237 20.27 35.82 -13.86
N LEU B 238 19.91 36.14 -12.63
CA LEU B 238 19.21 35.22 -11.75
C LEU B 238 17.73 35.56 -11.76
N VAL B 239 16.89 34.60 -12.16
CA VAL B 239 15.47 34.90 -12.30
C VAL B 239 14.65 33.93 -11.46
N PRO B 240 13.58 34.40 -10.82
CA PRO B 240 12.68 33.47 -10.12
C PRO B 240 11.96 32.59 -11.13
N THR B 241 11.95 31.29 -10.87
CA THR B 241 11.44 30.32 -11.84
C THR B 241 10.56 29.31 -11.12
N GLU B 242 9.26 29.33 -11.41
CA GLU B 242 8.44 28.17 -11.09
C GLU B 242 8.79 27.06 -12.08
N LEU B 243 8.78 25.82 -11.60
CA LEU B 243 9.30 24.71 -12.39
C LEU B 243 8.18 23.85 -12.97
N ASN B 244 8.36 23.42 -14.22
CA ASN B 244 7.54 22.35 -14.76
C ASN B 244 8.28 21.02 -14.85
N SER B 245 9.58 21.00 -14.58
CA SER B 245 10.34 19.78 -14.75
C SER B 245 10.01 18.78 -13.65
N VAL B 246 10.13 17.50 -14.01
CA VAL B 246 9.83 16.38 -13.13
C VAL B 246 11.00 15.42 -13.20
N GLU B 247 11.53 15.04 -12.04
CA GLU B 247 12.67 14.14 -11.97
C GLU B 247 12.26 12.85 -11.26
N ALA B 248 12.79 11.73 -11.72
CA ALA B 248 12.47 10.43 -11.14
C ALA B 248 13.72 9.79 -10.57
N TYR B 249 13.63 9.32 -9.33
CA TYR B 249 14.77 8.72 -8.63
C TYR B 249 14.64 7.20 -8.63
N ASP B 250 15.68 6.53 -9.12
CA ASP B 250 15.78 5.08 -9.09
C ASP B 250 16.70 4.70 -7.94
N PRO B 251 16.19 4.08 -6.87
CA PRO B 251 17.06 3.77 -5.71
C PRO B 251 18.10 2.70 -6.02
N GLU B 252 17.85 1.82 -6.98
CA GLU B 252 18.85 0.80 -7.32
C GLU B 252 20.08 1.42 -7.98
N ARG B 253 19.89 2.48 -8.77
CA ARG B 253 20.99 3.15 -9.43
C ARG B 253 21.46 4.40 -8.68
N ASN B 254 20.69 4.87 -7.70
CA ASN B 254 20.97 6.13 -7.00
C ASN B 254 21.17 7.25 -8.01
N GLU B 255 20.19 7.40 -8.90
CA GLU B 255 20.24 8.40 -9.95
C GLU B 255 18.87 9.02 -10.15
N TRP B 256 18.87 10.32 -10.43
CA TRP B 256 17.69 11.05 -10.88
C TRP B 256 17.74 11.20 -12.39
N SER B 257 16.58 11.04 -13.04
CA SER B 257 16.46 11.21 -14.49
C SER B 257 15.21 12.02 -14.79
N LEU B 258 15.27 12.83 -15.84
CA LEU B 258 14.09 13.60 -16.24
C LEU B 258 13.02 12.71 -16.86
N VAL B 259 11.77 13.02 -16.55
CA VAL B 259 10.63 12.45 -17.27
C VAL B 259 9.84 13.61 -17.88
N ALA B 260 8.64 13.32 -18.39
CA ALA B 260 7.86 14.37 -19.04
C ALA B 260 7.51 15.48 -18.05
N PRO B 261 7.56 16.73 -18.48
CA PRO B 261 7.25 17.85 -17.58
C PRO B 261 5.76 18.08 -17.44
N LEU B 262 5.41 18.76 -16.35
CA LEU B 262 4.08 19.31 -16.18
C LEU B 262 3.75 20.25 -17.34
N SER B 263 2.46 20.35 -17.67
CA SER B 263 2.03 21.39 -18.59
C SER B 263 2.18 22.77 -17.95
N THR B 264 1.87 22.88 -16.66
CA THR B 264 1.79 24.14 -15.95
C THR B 264 2.87 24.20 -14.87
N ARG B 265 3.79 25.16 -15.00
CA ARG B 265 4.78 25.42 -13.98
C ARG B 265 4.09 25.73 -12.66
N ARG B 266 4.60 25.16 -11.57
CA ARG B 266 3.90 25.35 -10.31
C ARG B 266 4.80 24.91 -9.16
N SER B 267 4.67 25.61 -8.03
CA SER B 267 5.27 25.21 -6.76
C SER B 267 4.19 25.14 -5.70
N GLY B 268 4.55 24.62 -4.52
CA GLY B 268 3.56 24.43 -3.48
C GLY B 268 2.41 23.56 -3.95
N VAL B 269 2.72 22.56 -4.77
CA VAL B 269 1.75 21.67 -5.41
C VAL B 269 1.62 20.41 -4.58
N GLY B 270 0.38 19.92 -4.43
CA GLY B 270 0.14 18.65 -3.76
C GLY B 270 0.22 17.52 -4.75
N VAL B 271 0.92 16.45 -4.38
CA VAL B 271 1.17 15.34 -5.30
C VAL B 271 0.82 14.03 -4.61
N ALA B 272 0.01 13.19 -5.27
CA ALA B 272 -0.34 11.89 -4.72
C ALA B 272 -0.59 10.89 -5.85
N VAL B 273 -0.56 9.61 -5.50
CA VAL B 273 -0.65 8.52 -6.48
C VAL B 273 -1.97 7.79 -6.28
N LEU B 274 -2.69 7.58 -7.37
CA LEU B 274 -3.97 6.87 -7.34
C LEU B 274 -4.12 6.10 -8.64
N ASN B 275 -4.33 4.78 -8.51
CA ASN B 275 -4.60 3.91 -9.66
C ASN B 275 -3.49 3.99 -10.71
N GLY B 276 -2.25 3.99 -10.25
CA GLY B 276 -1.12 3.98 -11.15
C GLY B 276 -0.82 5.29 -11.85
N LEU B 277 -1.43 6.39 -11.42
CA LEU B 277 -1.18 7.72 -11.96
C LEU B 277 -0.70 8.64 -10.84
N ILE B 278 0.16 9.59 -11.19
CA ILE B 278 0.53 10.67 -10.28
C ILE B 278 -0.37 11.86 -10.56
N TYR B 279 -0.98 12.41 -9.52
CA TYR B 279 -1.80 13.61 -9.65
C TYR B 279 -1.04 14.78 -9.05
N ALA B 280 -0.95 15.87 -9.82
CA ALA B 280 -0.38 17.13 -9.35
C ALA B 280 -1.53 18.12 -9.18
N VAL B 281 -1.74 18.58 -7.96
CA VAL B 281 -2.98 19.27 -7.57
C VAL B 281 -2.65 20.69 -7.13
N GLY B 282 -3.21 21.67 -7.84
CA GLY B 282 -3.10 23.06 -7.41
C GLY B 282 -1.68 23.59 -7.44
N GLY B 283 -1.45 24.61 -6.62
CA GLY B 283 -0.11 25.15 -6.47
C GLY B 283 -0.07 26.64 -6.68
N TYR B 284 1.15 27.15 -6.86
CA TYR B 284 1.47 28.56 -6.83
C TYR B 284 2.28 28.93 -8.05
N ASP B 285 2.01 30.12 -8.60
CA ASP B 285 2.77 30.64 -9.73
C ASP B 285 2.96 32.13 -9.48
N GLY B 286 4.17 32.51 -9.10
CA GLY B 286 4.48 33.88 -8.73
C GLY B 286 4.81 34.81 -9.89
N SER B 287 4.65 34.36 -11.12
CA SER B 287 4.87 35.18 -12.30
C SER B 287 4.05 36.48 -12.22
N PRO B 288 4.54 37.58 -12.78
CA PRO B 288 3.76 38.83 -12.73
C PRO B 288 2.53 38.83 -13.63
N ASP B 289 2.36 37.80 -14.48
N ASP B 289 2.33 37.82 -14.47
CA ASP B 289 1.20 37.62 -15.34
CA ASP B 289 1.10 37.76 -15.24
C ASP B 289 0.46 36.35 -14.93
C ASP B 289 0.46 36.39 -15.03
N GLY B 290 -0.86 36.37 -15.07
CA GLY B 290 -1.62 35.16 -14.90
C GLY B 290 -1.97 34.87 -13.46
N SER B 291 -2.75 33.81 -13.30
CA SER B 291 -3.23 33.41 -11.99
C SER B 291 -2.06 33.04 -11.08
N THR B 292 -2.18 33.43 -9.81
CA THR B 292 -1.15 33.13 -8.82
C THR B 292 -1.44 31.83 -8.07
N HIS B 293 -2.71 31.53 -7.82
CA HIS B 293 -3.08 30.33 -7.10
C HIS B 293 -3.86 29.44 -8.05
N LEU B 294 -3.48 28.17 -8.13
CA LEU B 294 -3.94 27.31 -9.21
C LEU B 294 -5.07 26.39 -8.74
N ASN B 295 -6.04 26.18 -9.62
CA ASN B 295 -7.00 25.10 -9.43
C ASN B 295 -6.76 23.92 -10.35
N SER B 296 -5.77 24.00 -11.26
CA SER B 296 -5.63 22.95 -12.25
C SER B 296 -4.99 21.71 -11.65
N VAL B 297 -5.33 20.56 -12.25
CA VAL B 297 -4.89 19.26 -11.78
C VAL B 297 -4.39 18.48 -12.99
N GLU B 298 -3.19 17.92 -12.88
CA GLU B 298 -2.61 17.11 -13.95
C GLU B 298 -2.37 15.69 -13.46
N ALA B 299 -2.44 14.74 -14.39
CA ALA B 299 -2.26 13.32 -14.07
C ALA B 299 -1.18 12.74 -14.97
N TYR B 300 -0.23 12.04 -14.37
CA TYR B 300 0.91 11.48 -15.07
C TYR B 300 0.74 9.97 -15.25
N ASP B 301 0.84 9.53 -16.50
CA ASP B 301 0.81 8.10 -16.84
C ASP B 301 2.24 7.64 -17.09
N PRO B 302 2.81 6.78 -16.24
CA PRO B 302 4.21 6.38 -16.45
C PRO B 302 4.43 5.48 -17.64
N GLU B 303 3.40 4.72 -18.06
CA GLU B 303 3.56 3.86 -19.22
C GLU B 303 3.71 4.69 -20.49
N ARG B 304 2.94 5.77 -20.60
CA ARG B 304 3.00 6.65 -21.76
C ARG B 304 3.95 7.82 -21.57
N ASN B 305 4.43 8.05 -20.35
CA ASN B 305 5.28 9.21 -20.03
C ASN B 305 4.62 10.50 -20.51
N GLU B 306 3.38 10.72 -20.04
CA GLU B 306 2.57 11.85 -20.47
C GLU B 306 1.79 12.39 -19.28
N TRP B 307 1.65 13.71 -19.22
CA TRP B 307 0.79 14.38 -18.27
C TRP B 307 -0.48 14.82 -18.98
N SER B 308 -1.64 14.52 -18.40
CA SER B 308 -2.91 14.95 -18.95
C SER B 308 -3.61 15.85 -17.93
N LEU B 309 -4.57 16.62 -18.41
CA LEU B 309 -5.39 17.44 -17.54
C LEU B 309 -6.62 16.66 -17.09
N VAL B 310 -6.98 16.83 -15.82
CA VAL B 310 -8.27 16.31 -15.36
C VAL B 310 -9.07 17.47 -14.78
N ALA B 311 -10.17 17.15 -14.11
CA ALA B 311 -11.07 18.19 -13.63
C ALA B 311 -10.36 19.10 -12.63
N PRO B 312 -10.55 20.42 -12.72
CA PRO B 312 -9.91 21.32 -11.77
C PRO B 312 -10.63 21.34 -10.43
N LEU B 313 -9.89 21.74 -9.41
CA LEU B 313 -10.48 22.03 -8.11
C LEU B 313 -11.55 23.10 -8.22
N SER B 314 -12.52 23.05 -7.30
CA SER B 314 -13.50 24.12 -7.24
C SER B 314 -12.89 25.41 -6.71
N THR B 315 -11.97 25.31 -5.75
CA THR B 315 -11.30 26.47 -5.17
C THR B 315 -9.81 26.37 -5.45
N ARG B 316 -9.25 27.45 -6.00
CA ARG B 316 -7.80 27.54 -6.18
C ARG B 316 -7.09 27.38 -4.84
N ARG B 317 -5.92 26.74 -4.85
CA ARG B 317 -5.21 26.58 -3.59
C ARG B 317 -3.74 26.33 -3.85
N SER B 318 -2.89 27.16 -3.26
CA SER B 318 -1.48 26.91 -3.20
C SER B 318 -1.13 26.38 -1.81
N GLY B 319 -0.02 25.65 -1.73
CA GLY B 319 0.36 25.09 -0.44
C GLY B 319 -0.66 24.11 0.10
N VAL B 320 -1.28 23.35 -0.79
CA VAL B 320 -2.32 22.37 -0.46
C VAL B 320 -1.67 21.02 -0.14
N GLY B 321 -2.20 20.34 0.87
CA GLY B 321 -1.77 18.98 1.17
C GLY B 321 -2.71 18.00 0.51
N VAL B 322 -2.16 16.92 -0.02
CA VAL B 322 -2.98 15.94 -0.72
C VAL B 322 -2.64 14.54 -0.22
N ALA B 323 -3.67 13.71 -0.10
CA ALA B 323 -3.47 12.31 0.24
C ALA B 323 -4.57 11.50 -0.42
N VAL B 324 -4.32 10.20 -0.55
CA VAL B 324 -5.24 9.27 -1.18
C VAL B 324 -5.78 8.33 -0.12
N LEU B 325 -7.10 8.17 -0.10
CA LEU B 325 -7.74 7.28 0.86
C LEU B 325 -8.98 6.63 0.26
#